data_1YVK
#
_entry.id   1YVK
#
_cell.length_a   59.596
_cell.length_b   124.425
_cell.length_c   216.942
_cell.angle_alpha   90.00
_cell.angle_beta   90.00
_cell.angle_gamma   90.00
#
_symmetry.space_group_name_H-M   'C 2 2 21'
#
loop_
_entity.id
_entity.type
_entity.pdbx_description
1 polymer 'hypothetical protein BSU33890'
2 non-polymer 'COENZYME A'
#
_entity_poly.entity_id   1
_entity_poly.type   'polypeptide(L)'
_entity_poly.pdbx_seq_one_letter_code
;(MSE)N(MSE)QKLRIELGEETNDELYDLLLLADPSKDIVDEYLERGECYTAWAGDELAGVYVLLKTRPQTVEIVNIAVK
ESLQKKGFGKQLVLDAIEKAKKLGADTIEIGTGNSSIHQLSLYQKCGFRIQAIDHDFFLRHYDEDIFENGIQCRD(MSE)
VRLYLDLLEHHHHHH
;
_entity_poly.pdbx_strand_id   A,B,C,D
#
loop_
_chem_comp.id
_chem_comp.type
_chem_comp.name
_chem_comp.formula
COA non-polymer 'COENZYME A' 'C21 H36 N7 O16 P3 S'
#
# COMPACT_ATOMS: atom_id res chain seq x y z
N LYS A 5 22.91 27.08 9.37
CA LYS A 5 23.79 27.20 10.58
C LYS A 5 24.79 26.04 10.57
N LEU A 6 24.30 24.85 10.89
CA LEU A 6 25.13 23.66 10.93
C LEU A 6 26.02 23.52 9.69
N ARG A 7 27.30 23.18 9.91
CA ARG A 7 28.25 23.01 8.80
C ARG A 7 28.40 21.54 8.49
N ILE A 8 27.87 21.13 7.35
CA ILE A 8 27.91 19.74 6.91
C ILE A 8 28.95 19.49 5.85
N GLU A 9 29.70 18.40 6.04
CA GLU A 9 30.74 18.03 5.09
C GLU A 9 30.89 16.51 5.01
N LEU A 10 31.46 16.06 3.89
CA LEU A 10 31.67 14.64 3.63
C LEU A 10 32.47 14.00 4.74
N GLY A 11 32.31 12.70 4.88
CA GLY A 11 33.02 11.99 5.92
C GLY A 11 33.59 10.72 5.37
N GLU A 12 34.74 10.33 5.91
CA GLU A 12 35.42 9.12 5.47
C GLU A 12 36.06 8.37 6.63
N GLU A 13 36.23 9.07 7.76
CA GLU A 13 36.84 8.48 8.95
C GLU A 13 35.84 8.32 10.09
N THR A 14 35.61 7.07 10.46
CA THR A 14 34.69 6.73 11.53
C THR A 14 35.43 6.56 12.87
N ASN A 15 34.94 7.23 13.92
CA ASN A 15 35.53 7.16 15.24
C ASN A 15 34.41 6.98 16.25
N ASP A 16 34.76 6.58 17.47
CA ASP A 16 33.77 6.38 18.51
C ASP A 16 32.73 7.48 18.61
N GLU A 17 33.18 8.72 18.50
CA GLU A 17 32.27 9.84 18.60
C GLU A 17 31.21 9.80 17.51
N LEU A 18 31.58 9.34 16.32
CA LEU A 18 30.65 9.27 15.21
C LEU A 18 29.75 8.05 15.30
N TYR A 19 30.31 6.90 15.65
CA TYR A 19 29.51 5.69 15.79
C TYR A 19 28.42 5.88 16.82
N ASP A 20 28.67 6.74 17.79
CA ASP A 20 27.70 7.00 18.83
C ASP A 20 26.40 7.50 18.25
N LEU A 21 26.51 8.36 17.24
CA LEU A 21 25.34 8.91 16.58
C LEU A 21 24.68 7.89 15.67
N LEU A 22 25.48 7.28 14.79
CA LEU A 22 24.97 6.29 13.85
C LEU A 22 24.25 5.15 14.55
N LEU A 23 24.72 4.84 15.76
CA LEU A 23 24.12 3.78 16.54
C LEU A 23 22.84 4.22 17.26
N LEU A 24 22.60 5.53 17.30
CA LEU A 24 21.40 6.03 17.94
C LEU A 24 20.23 5.61 17.10
N ALA A 25 20.43 5.63 15.78
CA ALA A 25 19.40 5.25 14.83
C ALA A 25 19.39 3.76 14.58
N ASP A 26 20.51 3.22 14.11
CA ASP A 26 20.59 1.80 13.85
C ASP A 26 21.47 1.14 14.89
N PRO A 27 20.86 0.40 15.82
CA PRO A 27 21.64 -0.27 16.88
C PRO A 27 22.71 -1.21 16.33
N SER A 28 22.31 -2.07 15.39
CA SER A 28 23.21 -3.04 14.77
C SER A 28 24.42 -2.41 14.08
N LYS A 29 25.57 -2.45 14.74
CA LYS A 29 26.79 -1.88 14.19
C LYS A 29 27.19 -2.58 12.91
N ASP A 30 26.87 -3.87 12.81
CA ASP A 30 27.20 -4.62 11.63
C ASP A 30 26.56 -4.00 10.40
N ILE A 31 25.24 -3.97 10.38
CA ILE A 31 24.49 -3.39 9.27
C ILE A 31 24.96 -1.98 8.97
N VAL A 32 25.30 -1.23 10.02
CA VAL A 32 25.76 0.12 9.83
C VAL A 32 27.01 0.14 8.94
N ASP A 33 28.00 -0.66 9.29
CA ASP A 33 29.24 -0.70 8.51
C ASP A 33 29.00 -1.02 7.04
N GLU A 34 28.01 -1.89 6.80
CA GLU A 34 27.67 -2.30 5.45
C GLU A 34 27.35 -1.10 4.57
N TYR A 35 26.29 -0.39 4.92
CA TYR A 35 25.90 0.78 4.16
C TYR A 35 26.77 2.00 4.39
N LEU A 36 27.55 1.96 5.48
CA LEU A 36 28.45 3.07 5.82
C LEU A 36 29.52 3.14 4.73
N GLU A 37 29.87 1.97 4.21
CA GLU A 37 30.87 1.84 3.17
C GLU A 37 30.25 2.01 1.79
N ARG A 38 29.32 1.13 1.45
CA ARG A 38 28.65 1.19 0.15
C ARG A 38 27.89 2.49 -0.05
N GLY A 39 27.68 3.22 1.05
CA GLY A 39 26.95 4.48 0.99
C GLY A 39 27.79 5.71 1.31
N GLU A 40 27.20 6.89 1.13
CA GLU A 40 27.89 8.13 1.40
C GLU A 40 27.50 8.65 2.76
N CYS A 41 28.50 8.84 3.63
CA CYS A 41 28.25 9.34 4.98
C CYS A 41 28.67 10.80 5.16
N TYR A 42 27.72 11.66 5.53
CA TYR A 42 28.03 13.08 5.72
C TYR A 42 27.96 13.40 7.22
N THR A 43 28.80 14.32 7.67
CA THR A 43 28.79 14.71 9.08
C THR A 43 28.56 16.20 9.21
N ALA A 44 27.76 16.58 10.19
CA ALA A 44 27.43 17.98 10.40
C ALA A 44 28.03 18.45 11.70
N TRP A 45 28.82 19.51 11.62
CA TRP A 45 29.46 20.06 12.80
C TRP A 45 28.92 21.46 13.11
N ALA A 46 28.83 21.75 14.40
CA ALA A 46 28.37 23.05 14.89
C ALA A 46 29.54 23.63 15.68
N GLY A 47 30.53 24.12 14.94
CA GLY A 47 31.72 24.67 15.56
C GLY A 47 32.81 23.62 15.52
N ASP A 48 33.03 22.98 16.68
CA ASP A 48 34.05 21.93 16.80
C ASP A 48 33.38 20.68 17.34
N GLU A 49 32.10 20.84 17.71
CA GLU A 49 31.33 19.75 18.26
C GLU A 49 30.60 19.00 17.16
N LEU A 50 30.56 17.69 17.28
CA LEU A 50 29.88 16.85 16.30
C LEU A 50 28.38 16.94 16.50
N ALA A 51 27.70 17.77 15.72
CA ALA A 51 26.24 17.93 15.84
C ALA A 51 25.45 16.68 15.48
N GLY A 52 25.48 16.31 14.21
CA GLY A 52 24.76 15.13 13.78
C GLY A 52 25.42 14.44 12.58
N VAL A 53 24.70 13.48 11.99
CA VAL A 53 25.20 12.72 10.84
C VAL A 53 24.06 12.06 10.07
N TYR A 54 24.32 11.74 8.81
CA TYR A 54 23.33 11.06 7.98
C TYR A 54 24.02 10.36 6.80
N VAL A 55 23.50 9.21 6.39
CA VAL A 55 24.09 8.45 5.29
C VAL A 55 23.15 8.32 4.09
N LEU A 56 23.68 8.54 2.89
CA LEU A 56 22.90 8.43 1.67
C LEU A 56 23.30 7.17 0.93
N LEU A 57 22.44 6.18 0.91
CA LEU A 57 22.74 4.93 0.23
C LEU A 57 21.93 4.89 -1.05
N LYS A 58 22.47 4.30 -2.11
CA LYS A 58 21.71 4.22 -3.36
C LYS A 58 21.02 2.87 -3.42
N THR A 59 19.69 2.88 -3.54
CA THR A 59 18.91 1.66 -3.58
C THR A 59 18.50 1.28 -5.01
N ARG A 60 17.22 1.45 -5.33
CA ARG A 60 16.72 1.13 -6.67
C ARG A 60 17.37 2.08 -7.67
N PRO A 61 17.27 1.76 -8.97
CA PRO A 61 17.84 2.60 -10.03
C PRO A 61 17.28 3.99 -9.92
N GLN A 62 18.12 5.01 -10.09
CA GLN A 62 17.67 6.40 -10.01
C GLN A 62 17.03 6.78 -8.66
N THR A 63 17.12 5.86 -7.70
CA THR A 63 16.55 6.03 -6.36
C THR A 63 17.59 5.98 -5.24
N VAL A 64 17.55 6.97 -4.36
CA VAL A 64 18.48 7.03 -3.23
C VAL A 64 17.71 7.14 -1.91
N GLU A 65 18.25 6.53 -0.85
CA GLU A 65 17.58 6.53 0.44
C GLU A 65 18.43 6.99 1.62
N ILE A 66 17.80 7.62 2.60
CA ILE A 66 18.51 8.08 3.77
C ILE A 66 18.50 6.90 4.74
N VAL A 67 19.42 5.97 4.58
CA VAL A 67 19.49 4.80 5.44
C VAL A 67 19.75 5.08 6.90
N ASN A 68 20.15 6.31 7.24
CA ASN A 68 20.44 6.67 8.63
C ASN A 68 20.60 8.17 8.84
N ILE A 69 19.99 8.67 9.91
CA ILE A 69 20.11 10.09 10.24
C ILE A 69 19.95 10.21 11.74
N ALA A 70 20.80 11.03 12.37
CA ALA A 70 20.75 11.25 13.81
C ALA A 70 21.37 12.56 14.24
N VAL A 71 21.00 13.02 15.43
CA VAL A 71 21.52 14.26 15.98
C VAL A 71 21.79 14.06 17.45
N LYS A 72 22.93 14.56 17.92
CA LYS A 72 23.33 14.41 19.32
C LYS A 72 22.16 14.80 20.23
N GLU A 73 21.80 13.92 21.15
CA GLU A 73 20.70 14.19 22.04
C GLU A 73 20.77 15.57 22.67
N SER A 74 21.94 15.95 23.14
CA SER A 74 22.11 17.24 23.79
C SER A 74 22.03 18.41 22.83
N LEU A 75 21.71 18.13 21.57
CA LEU A 75 21.63 19.18 20.55
C LEU A 75 20.41 19.03 19.69
N GLN A 76 19.71 17.94 19.86
CA GLN A 76 18.54 17.76 19.03
C GLN A 76 17.41 18.60 19.56
N LYS A 77 16.37 18.74 18.74
CA LYS A 77 15.19 19.51 19.09
C LYS A 77 15.48 20.98 18.91
N LYS A 78 16.61 21.27 18.27
CA LYS A 78 16.94 22.65 18.04
C LYS A 78 16.77 23.00 16.58
N GLY A 79 16.33 22.02 15.80
CA GLY A 79 16.13 22.28 14.39
C GLY A 79 17.19 21.73 13.47
N PHE A 80 18.18 21.05 14.04
CA PHE A 80 19.25 20.48 13.25
C PHE A 80 18.72 19.30 12.46
N GLY A 81 17.70 18.65 13.01
CA GLY A 81 17.11 17.51 12.32
C GLY A 81 16.66 17.92 10.94
N LYS A 82 15.77 18.90 10.89
CA LYS A 82 15.26 19.41 9.64
C LYS A 82 16.38 19.81 8.69
N GLN A 83 17.40 20.50 9.19
CA GLN A 83 18.53 20.92 8.34
C GLN A 83 19.20 19.74 7.64
N LEU A 84 19.40 18.66 8.36
CA LEU A 84 20.03 17.51 7.78
C LEU A 84 19.18 16.92 6.67
N VAL A 85 17.89 16.73 6.94
CA VAL A 85 16.95 16.17 5.96
C VAL A 85 16.94 17.00 4.70
N LEU A 86 16.73 18.30 4.86
CA LEU A 86 16.71 19.21 3.73
C LEU A 86 18.04 19.21 3.01
N ASP A 87 19.12 18.89 3.73
CA ASP A 87 20.45 18.84 3.15
C ASP A 87 20.62 17.53 2.39
N ALA A 88 20.16 16.44 2.97
CA ALA A 88 20.26 15.18 2.30
C ALA A 88 19.50 15.26 0.98
N ILE A 89 18.45 16.06 0.95
CA ILE A 89 17.70 16.19 -0.28
C ILE A 89 18.52 16.89 -1.36
N GLU A 90 19.39 17.80 -0.95
CA GLU A 90 20.19 18.51 -1.92
C GLU A 90 21.33 17.64 -2.41
N LYS A 91 21.92 16.87 -1.52
CA LYS A 91 23.00 16.01 -1.94
C LYS A 91 22.42 15.01 -2.93
N ALA A 92 21.18 14.60 -2.67
CA ALA A 92 20.49 13.63 -3.53
C ALA A 92 20.19 14.21 -4.90
N LYS A 93 19.90 15.50 -4.96
CA LYS A 93 19.63 16.14 -6.24
C LYS A 93 20.88 16.12 -7.12
N LYS A 94 21.98 16.64 -6.58
CA LYS A 94 23.23 16.67 -7.34
C LYS A 94 23.69 15.26 -7.69
N LEU A 95 23.11 14.26 -7.04
CA LEU A 95 23.49 12.90 -7.33
C LEU A 95 22.70 12.40 -8.53
N GLY A 96 21.85 13.28 -9.06
CA GLY A 96 21.03 12.94 -10.22
C GLY A 96 19.91 11.96 -9.96
N ALA A 97 19.63 11.67 -8.70
CA ALA A 97 18.58 10.75 -8.34
C ALA A 97 17.22 11.34 -8.70
N ASP A 98 16.25 10.48 -8.98
CA ASP A 98 14.90 10.94 -9.33
C ASP A 98 14.00 10.97 -8.11
N THR A 99 14.18 9.98 -7.23
CA THR A 99 13.38 9.87 -6.03
C THR A 99 14.24 9.51 -4.86
N ILE A 100 13.93 10.13 -3.72
CA ILE A 100 14.64 9.89 -2.47
C ILE A 100 13.67 9.30 -1.45
N GLU A 101 14.13 8.29 -0.73
CA GLU A 101 13.29 7.63 0.24
C GLU A 101 13.85 7.69 1.66
N ILE A 102 13.05 7.20 2.61
CA ILE A 102 13.40 7.15 4.03
C ILE A 102 12.21 6.57 4.77
N GLY A 103 12.46 5.71 5.74
CA GLY A 103 11.34 5.13 6.48
C GLY A 103 11.62 4.86 7.94
N THR A 104 10.60 4.96 8.78
CA THR A 104 10.81 4.69 10.20
C THR A 104 9.65 3.93 10.76
N GLY A 105 9.74 3.57 12.03
CA GLY A 105 8.66 2.81 12.64
C GLY A 105 7.39 3.59 12.84
N ASN A 106 6.27 2.90 12.65
CA ASN A 106 4.96 3.53 12.83
C ASN A 106 4.86 4.27 14.18
N SER A 107 5.67 3.88 15.15
CA SER A 107 5.64 4.50 16.45
C SER A 107 6.33 5.85 16.47
N SER A 108 7.26 6.06 15.55
CA SER A 108 8.00 7.31 15.49
C SER A 108 7.16 8.48 15.03
N ILE A 109 6.20 8.86 15.86
CA ILE A 109 5.30 9.95 15.52
C ILE A 109 6.04 11.24 15.17
N HIS A 110 7.04 11.59 15.96
CA HIS A 110 7.78 12.82 15.72
C HIS A 110 8.36 12.86 14.31
N GLN A 111 9.06 11.80 13.92
CA GLN A 111 9.67 11.75 12.61
C GLN A 111 8.61 11.78 11.51
N LEU A 112 7.52 11.02 11.69
CA LEU A 112 6.46 11.00 10.69
C LEU A 112 6.05 12.42 10.31
N SER A 113 6.19 13.34 11.27
CA SER A 113 5.86 14.75 11.07
C SER A 113 7.00 15.47 10.36
N LEU A 114 8.19 15.36 10.94
CA LEU A 114 9.39 16.00 10.43
C LEU A 114 9.58 15.79 8.95
N TYR A 115 9.72 14.52 8.59
CA TYR A 115 9.93 14.16 7.20
C TYR A 115 8.87 14.73 6.28
N GLN A 116 7.60 14.65 6.67
CA GLN A 116 6.55 15.18 5.84
C GLN A 116 6.74 16.67 5.69
N LYS A 117 7.16 17.30 6.77
CA LYS A 117 7.38 18.73 6.71
C LYS A 117 8.48 19.01 5.72
N CYS A 118 9.29 18.03 5.39
CA CYS A 118 10.37 18.27 4.41
C CYS A 118 10.01 17.82 3.04
N GLY A 119 8.73 17.54 2.83
CA GLY A 119 8.31 17.15 1.51
C GLY A 119 8.01 15.69 1.31
N PHE A 120 8.49 14.86 2.22
CA PHE A 120 8.25 13.43 2.11
C PHE A 120 6.77 13.08 2.23
N ARG A 121 6.36 12.06 1.47
CA ARG A 121 4.99 11.60 1.48
C ARG A 121 5.02 10.14 1.82
N ILE A 122 4.04 9.68 2.57
CA ILE A 122 4.02 8.29 2.94
C ILE A 122 3.67 7.45 1.72
N GLN A 123 4.47 6.42 1.45
CA GLN A 123 4.24 5.54 0.30
C GLN A 123 3.44 4.28 0.65
N ALA A 124 4.04 3.38 1.42
CA ALA A 124 3.37 2.16 1.82
C ALA A 124 3.89 1.73 3.19
N ILE A 125 3.34 0.65 3.72
CA ILE A 125 3.73 0.18 5.03
C ILE A 125 4.24 -1.25 4.93
N ASP A 126 5.33 -1.58 5.61
CA ASP A 126 5.87 -2.96 5.61
C ASP A 126 5.35 -3.62 6.89
N HIS A 127 4.16 -4.19 6.83
CA HIS A 127 3.58 -4.80 8.02
C HIS A 127 4.44 -5.85 8.69
N ASP A 128 4.31 -5.92 10.01
CA ASP A 128 5.06 -6.89 10.82
C ASP A 128 6.56 -6.83 10.64
N PHE A 129 7.04 -5.83 9.91
CA PHE A 129 8.48 -5.66 9.68
C PHE A 129 9.33 -5.92 10.92
N PHE A 130 9.22 -5.03 11.91
CA PHE A 130 9.98 -5.15 13.14
C PHE A 130 9.68 -6.43 13.91
N LEU A 131 8.60 -7.10 13.57
CA LEU A 131 8.27 -8.33 14.28
C LEU A 131 9.16 -9.45 13.81
N ARG A 132 9.42 -9.48 12.52
CA ARG A 132 10.24 -10.53 11.94
C ARG A 132 11.71 -10.16 11.86
N HIS A 133 12.05 -8.87 11.93
CA HIS A 133 13.47 -8.50 11.84
C HIS A 133 14.06 -8.14 13.18
N TYR A 134 13.31 -8.31 14.27
CA TYR A 134 13.86 -8.05 15.61
C TYR A 134 13.36 -9.08 16.56
N ASP A 135 14.15 -9.34 17.59
CA ASP A 135 13.81 -10.37 18.54
C ASP A 135 12.85 -9.88 19.63
N GLU A 136 13.16 -8.71 20.17
CA GLU A 136 12.33 -8.14 21.22
C GLU A 136 11.22 -7.22 20.71
N ASP A 137 10.35 -6.80 21.61
CA ASP A 137 9.26 -5.92 21.22
C ASP A 137 9.66 -4.48 21.40
N ILE A 138 9.69 -3.74 20.30
CA ILE A 138 10.06 -2.33 20.40
C ILE A 138 8.82 -1.52 20.76
N PHE A 139 9.03 -0.56 21.65
CA PHE A 139 7.94 0.30 22.11
C PHE A 139 8.41 1.74 22.16
N GLU A 140 7.50 2.67 21.91
CA GLU A 140 7.86 4.07 21.90
C GLU A 140 6.62 4.93 21.88
N ASN A 141 6.56 5.89 22.80
CA ASN A 141 5.42 6.81 22.89
C ASN A 141 4.14 6.02 23.13
N GLY A 142 4.20 4.98 23.93
CA GLY A 142 3.00 4.22 24.19
C GLY A 142 2.46 3.53 22.95
N ILE A 143 3.31 3.26 21.96
CA ILE A 143 2.87 2.57 20.74
C ILE A 143 3.76 1.38 20.49
N GLN A 144 3.19 0.31 19.98
CA GLN A 144 3.94 -0.91 19.69
C GLN A 144 4.53 -0.77 18.28
N CYS A 145 5.80 -0.40 18.20
CA CYS A 145 6.47 -0.24 16.92
C CYS A 145 6.69 -1.59 16.24
N ARG A 146 5.92 -1.87 15.19
CA ARG A 146 6.07 -3.14 14.52
C ARG A 146 5.84 -3.00 13.05
N ASP A 147 5.69 -1.77 12.56
CA ASP A 147 5.46 -1.55 11.12
C ASP A 147 6.46 -0.53 10.58
N MSE A 148 6.96 -0.76 9.38
CA MSE A 148 7.93 0.14 8.77
C MSE A 148 7.26 1.10 7.78
O MSE A 148 6.90 0.72 6.68
CB MSE A 148 9.00 -0.69 8.06
CG MSE A 148 10.07 0.15 7.36
SE MSE A 148 11.12 1.23 8.63
CE MSE A 148 12.44 -0.12 9.05
N VAL A 149 7.10 2.35 8.19
CA VAL A 149 6.47 3.33 7.31
C VAL A 149 7.45 3.80 6.26
N ARG A 150 7.12 3.55 5.00
CA ARG A 150 7.96 3.92 3.87
C ARG A 150 7.55 5.27 3.29
N LEU A 151 8.47 6.22 3.20
CA LEU A 151 8.15 7.53 2.61
C LEU A 151 9.04 7.79 1.42
N TYR A 152 8.64 8.73 0.57
CA TYR A 152 9.44 9.05 -0.61
C TYR A 152 9.30 10.53 -0.96
N LEU A 153 10.02 10.94 -2.00
CA LEU A 153 9.99 12.32 -2.46
C LEU A 153 10.67 12.47 -3.81
N ASP A 154 9.89 12.76 -4.85
CA ASP A 154 10.43 12.94 -6.19
C ASP A 154 11.17 14.26 -6.28
N LEU A 155 12.25 14.27 -7.04
CA LEU A 155 13.08 15.47 -7.22
C LEU A 155 12.99 16.02 -8.66
N LEU A 156 11.90 16.70 -8.99
CA LEU A 156 11.73 17.27 -10.34
C LEU A 156 10.52 18.22 -10.41
N LYS B 5 -14.82 7.21 32.54
CA LYS B 5 -15.38 8.50 33.02
C LYS B 5 -16.57 8.87 32.13
N LEU B 6 -16.28 9.32 30.90
CA LEU B 6 -17.29 9.71 29.93
C LEU B 6 -18.42 8.67 29.83
N ARG B 7 -19.67 9.14 29.83
CA ARG B 7 -20.80 8.23 29.72
C ARG B 7 -21.31 8.23 28.29
N ILE B 8 -21.10 7.12 27.62
CA ILE B 8 -21.49 6.98 26.22
C ILE B 8 -22.77 6.16 26.06
N GLU B 9 -23.66 6.65 25.20
CA GLU B 9 -24.91 5.98 24.93
C GLU B 9 -25.37 6.19 23.49
N LEU B 10 -26.21 5.27 23.02
CA LEU B 10 -26.75 5.31 21.67
C LEU B 10 -27.42 6.64 21.40
N GLY B 11 -27.50 7.01 20.14
CA GLY B 11 -28.11 8.27 19.77
C GLY B 11 -29.02 8.06 18.58
N GLU B 12 -30.10 8.83 18.53
CA GLU B 12 -31.07 8.71 17.45
C GLU B 12 -31.63 10.07 17.05
N GLU B 13 -31.40 11.06 17.92
CA GLU B 13 -31.89 12.42 17.69
C GLU B 13 -30.75 13.40 17.47
N THR B 14 -30.71 13.96 16.25
CA THR B 14 -29.68 14.92 15.88
C THR B 14 -30.15 16.34 16.07
N ASN B 15 -29.34 17.15 16.74
CA ASN B 15 -29.67 18.55 16.99
C ASN B 15 -28.43 19.40 16.72
N ASP B 16 -28.61 20.71 16.62
CA ASP B 16 -27.49 21.59 16.33
C ASP B 16 -26.26 21.34 17.15
N GLU B 17 -26.46 21.08 18.44
CA GLU B 17 -25.34 20.83 19.33
C GLU B 17 -24.53 19.60 18.90
N LEU B 18 -25.21 18.60 18.37
CA LEU B 18 -24.56 17.36 17.93
C LEU B 18 -23.91 17.54 16.57
N TYR B 19 -24.61 18.18 15.65
CA TYR B 19 -24.08 18.41 14.31
C TYR B 19 -22.78 19.19 14.40
N ASP B 20 -22.67 20.02 15.42
CA ASP B 20 -21.47 20.83 15.60
C ASP B 20 -20.23 19.96 15.70
N LEU B 21 -20.37 18.85 16.42
CA LEU B 21 -19.26 17.90 16.58
C LEU B 21 -19.02 17.10 15.31
N LEU B 22 -20.07 16.49 14.79
CA LEU B 22 -19.95 15.68 13.60
C LEU B 22 -19.35 16.48 12.46
N LEU B 23 -19.63 17.77 12.44
CA LEU B 23 -19.13 18.64 11.40
C LEU B 23 -17.69 19.04 11.63
N LEU B 24 -17.18 18.79 12.83
CA LEU B 24 -15.79 19.12 13.12
C LEU B 24 -14.90 18.19 12.32
N ALA B 25 -15.35 16.95 12.20
CA ALA B 25 -14.60 15.93 11.46
C ALA B 25 -14.93 15.97 9.98
N ASP B 26 -16.20 15.78 9.64
CA ASP B 26 -16.61 15.79 8.24
C ASP B 26 -17.38 17.07 7.97
N PRO B 27 -16.78 18.03 7.26
CA PRO B 27 -17.45 19.30 6.94
C PRO B 27 -18.77 19.13 6.18
N SER B 28 -18.75 18.27 5.15
CA SER B 28 -19.93 17.99 4.31
C SER B 28 -21.09 17.39 5.10
N LYS B 29 -22.07 18.24 5.42
CA LYS B 29 -23.23 17.79 6.17
C LYS B 29 -24.00 16.74 5.40
N ASP B 30 -23.97 16.82 4.08
CA ASP B 30 -24.68 15.86 3.25
C ASP B 30 -24.18 14.46 3.54
N ILE B 31 -22.89 14.25 3.29
CA ILE B 31 -22.28 12.94 3.50
C ILE B 31 -22.52 12.44 4.91
N VAL B 32 -22.50 13.37 5.85
CA VAL B 32 -22.72 13.01 7.25
C VAL B 32 -24.07 12.34 7.43
N ASP B 33 -25.12 12.99 6.95
CA ASP B 33 -26.46 12.44 7.05
C ASP B 33 -26.57 11.04 6.45
N GLU B 34 -25.86 10.81 5.36
CA GLU B 34 -25.89 9.53 4.70
C GLU B 34 -25.52 8.41 5.68
N TYR B 35 -24.28 8.45 6.17
CA TYR B 35 -23.81 7.44 7.10
C TYR B 35 -24.38 7.61 8.51
N LEU B 36 -24.91 8.79 8.78
CA LEU B 36 -25.50 9.05 10.10
C LEU B 36 -26.73 8.17 10.25
N GLU B 37 -27.39 7.90 9.13
CA GLU B 37 -28.57 7.07 9.09
C GLU B 37 -28.21 5.60 8.93
N ARG B 38 -27.54 5.28 7.83
CA ARG B 38 -27.15 3.91 7.55
C ARG B 38 -26.22 3.36 8.60
N GLY B 39 -25.63 4.26 9.39
CA GLY B 39 -24.71 3.85 10.44
C GLY B 39 -25.22 4.07 11.85
N GLU B 40 -24.46 3.59 12.83
CA GLU B 40 -24.84 3.73 14.23
C GLU B 40 -24.11 4.90 14.85
N CYS B 41 -24.85 5.85 15.39
CA CYS B 41 -24.23 7.02 16.01
C CYS B 41 -24.32 6.98 17.53
N TYR B 42 -23.17 7.05 18.20
CA TYR B 42 -23.12 7.04 19.66
C TYR B 42 -22.69 8.40 20.18
N THR B 43 -23.26 8.83 21.30
CA THR B 43 -22.89 10.13 21.88
C THR B 43 -22.35 9.93 23.27
N ALA B 44 -21.32 10.69 23.61
CA ALA B 44 -20.71 10.58 24.91
C ALA B 44 -20.93 11.85 25.68
N TRP B 45 -21.50 11.71 26.88
CA TRP B 45 -21.77 12.86 27.73
C TRP B 45 -20.93 12.82 28.99
N ALA B 46 -20.51 14.00 29.44
CA ALA B 46 -19.73 14.17 30.64
C ALA B 46 -20.59 15.02 31.60
N GLY B 47 -21.61 14.37 32.17
CA GLY B 47 -22.52 15.05 33.06
C GLY B 47 -23.77 15.40 32.29
N ASP B 48 -23.88 16.66 31.89
CA ASP B 48 -25.03 17.15 31.12
C ASP B 48 -24.52 17.79 29.86
N GLU B 49 -23.19 17.92 29.78
CA GLU B 49 -22.57 18.54 28.63
C GLU B 49 -22.24 17.47 27.57
N LEU B 50 -22.44 17.81 26.30
CA LEU B 50 -22.15 16.88 25.23
C LEU B 50 -20.64 16.85 25.02
N ALA B 51 -19.99 15.80 25.51
CA ALA B 51 -18.54 15.67 25.38
C ALA B 51 -18.09 15.44 23.94
N GLY B 52 -18.42 14.27 23.40
CA GLY B 52 -18.03 13.96 22.03
C GLY B 52 -19.02 13.04 21.34
N VAL B 53 -18.63 12.52 20.18
CA VAL B 53 -19.49 11.63 19.41
C VAL B 53 -18.68 10.81 18.42
N TYR B 54 -19.27 9.71 17.96
CA TYR B 54 -18.63 8.86 16.97
C TYR B 54 -19.65 7.95 16.30
N VAL B 55 -19.46 7.68 15.01
CA VAL B 55 -20.37 6.84 14.24
C VAL B 55 -19.70 5.55 13.75
N LEU B 56 -20.41 4.43 13.87
CA LEU B 56 -19.89 3.16 13.42
C LEU B 56 -20.65 2.76 12.20
N LEU B 57 -20.01 2.75 11.04
CA LEU B 57 -20.69 2.38 9.81
C LEU B 57 -20.19 1.01 9.40
N LYS B 58 -21.04 0.17 8.83
CA LYS B 58 -20.57 -1.15 8.40
C LYS B 58 -20.18 -1.08 6.94
N THR B 59 -18.93 -1.42 6.63
CA THR B 59 -18.43 -1.37 5.26
C THR B 59 -18.37 -2.75 4.58
N ARG B 60 -17.18 -3.30 4.42
CA ARG B 60 -17.05 -4.62 3.80
C ARG B 60 -17.66 -5.66 4.72
N PRO B 61 -17.89 -6.86 4.20
CA PRO B 61 -18.46 -7.94 5.00
C PRO B 61 -17.62 -8.17 6.23
N GLN B 62 -18.28 -8.39 7.38
CA GLN B 62 -17.56 -8.64 8.63
C GLN B 62 -16.62 -7.50 9.02
N THR B 63 -16.70 -6.39 8.29
CA THR B 63 -15.86 -5.23 8.53
C THR B 63 -16.64 -3.97 8.88
N VAL B 64 -16.22 -3.28 9.93
CA VAL B 64 -16.89 -2.06 10.37
C VAL B 64 -15.87 -0.93 10.48
N GLU B 65 -16.30 0.29 10.20
CA GLU B 65 -15.42 1.44 10.22
C GLU B 65 -15.93 2.62 11.03
N ILE B 66 -15.01 3.37 11.62
CA ILE B 66 -15.39 4.54 12.39
C ILE B 66 -15.39 5.71 11.40
N VAL B 67 -16.50 5.89 10.71
CA VAL B 67 -16.62 6.94 9.71
C VAL B 67 -16.54 8.34 10.25
N ASN B 68 -16.61 8.50 11.57
CA ASN B 68 -16.54 9.83 12.18
C ASN B 68 -16.35 9.79 13.70
N ILE B 69 -15.49 10.64 14.21
CA ILE B 69 -15.26 10.71 15.64
C ILE B 69 -14.79 12.12 15.96
N ALA B 70 -15.32 12.69 17.04
CA ALA B 70 -14.95 14.04 17.43
C ALA B 70 -15.21 14.33 18.89
N VAL B 71 -14.53 15.35 19.40
CA VAL B 71 -14.67 15.75 20.78
C VAL B 71 -14.66 17.26 20.87
N LYS B 72 -15.57 17.80 21.67
CA LYS B 72 -15.71 19.24 21.83
C LYS B 72 -14.35 19.86 22.08
N GLU B 73 -13.99 20.85 21.27
CA GLU B 73 -12.70 21.50 21.40
C GLU B 73 -12.38 21.88 22.85
N SER B 74 -13.34 22.47 23.54
CA SER B 74 -13.13 22.88 24.91
C SER B 74 -13.01 21.70 25.89
N LEU B 75 -13.00 20.48 25.36
CA LEU B 75 -12.90 19.31 26.22
C LEU B 75 -11.95 18.29 25.66
N GLN B 76 -11.43 18.54 24.47
CA GLN B 76 -10.51 17.57 23.92
C GLN B 76 -9.16 17.77 24.56
N LYS B 77 -8.28 16.81 24.33
CA LYS B 77 -6.93 16.82 24.89
C LYS B 77 -6.96 16.41 26.35
N LYS B 78 -8.11 15.93 26.79
CA LYS B 78 -8.23 15.50 28.18
C LYS B 78 -8.29 13.99 28.27
N GLY B 79 -8.20 13.34 27.11
CA GLY B 79 -8.23 11.90 27.09
C GLY B 79 -9.54 11.29 26.69
N PHE B 80 -10.52 12.11 26.31
CA PHE B 80 -11.81 11.59 25.89
C PHE B 80 -11.69 10.95 24.53
N GLY B 81 -10.74 11.44 23.75
CA GLY B 81 -10.53 10.89 22.43
C GLY B 81 -10.28 9.41 22.52
N LYS B 82 -9.24 9.05 23.26
CA LYS B 82 -8.89 7.64 23.43
C LYS B 82 -10.06 6.81 23.94
N GLN B 83 -10.83 7.33 24.89
CA GLN B 83 -11.98 6.60 25.44
C GLN B 83 -13.00 6.25 24.36
N LEU B 84 -13.27 7.19 23.47
CA LEU B 84 -14.23 6.93 22.41
C LEU B 84 -13.72 5.85 21.49
N VAL B 85 -12.46 5.96 21.05
CA VAL B 85 -11.87 4.96 20.17
C VAL B 85 -11.93 3.57 20.79
N LEU B 86 -11.45 3.46 22.02
CA LEU B 86 -11.47 2.19 22.71
C LEU B 86 -12.89 1.70 22.91
N ASP B 87 -13.83 2.63 22.96
CA ASP B 87 -15.24 2.31 23.14
C ASP B 87 -15.82 1.81 21.81
N ALA B 88 -15.47 2.50 20.73
CA ALA B 88 -15.96 2.09 19.43
C ALA B 88 -15.47 0.67 19.13
N ILE B 89 -14.32 0.32 19.66
CA ILE B 89 -13.80 -1.00 19.42
C ILE B 89 -14.65 -2.04 20.13
N GLU B 90 -15.23 -1.66 21.26
CA GLU B 90 -16.06 -2.59 22.02
C GLU B 90 -17.41 -2.75 21.39
N LYS B 91 -17.97 -1.66 20.89
CA LYS B 91 -19.27 -1.72 20.23
C LYS B 91 -19.09 -2.61 19.00
N ALA B 92 -17.93 -2.48 18.36
CA ALA B 92 -17.61 -3.24 17.15
C ALA B 92 -17.46 -4.72 17.45
N LYS B 93 -16.97 -5.04 18.64
CA LYS B 93 -16.82 -6.45 19.00
C LYS B 93 -18.20 -7.07 19.12
N LYS B 94 -19.05 -6.47 19.96
CA LYS B 94 -20.38 -7.01 20.15
C LYS B 94 -21.16 -7.04 18.85
N LEU B 95 -20.68 -6.33 17.85
CA LEU B 95 -21.37 -6.31 16.57
C LEU B 95 -20.94 -7.53 15.74
N GLY B 96 -20.05 -8.35 16.32
CA GLY B 96 -19.57 -9.54 15.63
C GLY B 96 -18.61 -9.28 14.48
N ALA B 97 -18.17 -8.05 14.33
CA ALA B 97 -17.26 -7.68 13.25
C ALA B 97 -15.91 -8.35 13.47
N ASP B 98 -15.20 -8.64 12.38
CA ASP B 98 -13.88 -9.28 12.46
C ASP B 98 -12.79 -8.24 12.46
N THR B 99 -13.00 -7.19 11.67
CA THR B 99 -12.01 -6.13 11.55
C THR B 99 -12.68 -4.76 11.61
N ILE B 100 -12.03 -3.83 12.31
CA ILE B 100 -12.52 -2.47 12.40
C ILE B 100 -11.50 -1.53 11.74
N GLU B 101 -11.98 -0.54 10.99
CA GLU B 101 -11.11 0.37 10.28
C GLU B 101 -11.35 1.81 10.64
N ILE B 102 -10.51 2.69 10.13
CA ILE B 102 -10.60 4.14 10.38
C ILE B 102 -9.42 4.77 9.66
N GLY B 103 -9.64 5.92 9.02
CA GLY B 103 -8.55 6.56 8.32
C GLY B 103 -8.60 8.07 8.35
N THR B 104 -7.44 8.73 8.32
CA THR B 104 -7.41 10.19 8.31
C THR B 104 -6.32 10.67 7.38
N GLY B 105 -6.22 11.97 7.27
CA GLY B 105 -5.21 12.51 6.38
C GLY B 105 -3.79 12.34 6.89
N ASN B 106 -2.87 12.13 5.96
CA ASN B 106 -1.47 11.99 6.30
C ASN B 106 -0.96 13.16 7.15
N SER B 107 -1.63 14.30 7.10
CA SER B 107 -1.20 15.43 7.86
C SER B 107 -1.62 15.32 9.33
N SER B 108 -2.66 14.54 9.59
CA SER B 108 -3.14 14.37 10.95
C SER B 108 -2.18 13.58 11.81
N ILE B 109 -1.04 14.17 12.10
CA ILE B 109 -0.02 13.52 12.90
C ILE B 109 -0.53 13.05 14.26
N HIS B 110 -1.27 13.91 14.95
CA HIS B 110 -1.80 13.57 16.26
C HIS B 110 -2.62 12.29 16.23
N GLN B 111 -3.59 12.22 15.32
CA GLN B 111 -4.42 11.03 15.20
C GLN B 111 -3.62 9.78 14.83
N LEU B 112 -2.70 9.92 13.88
CA LEU B 112 -1.87 8.79 13.48
C LEU B 112 -1.30 8.12 14.73
N SER B 113 -1.05 8.93 15.77
CA SER B 113 -0.51 8.45 17.02
C SER B 113 -1.59 7.80 17.87
N LEU B 114 -2.64 8.56 18.13
CA LEU B 114 -3.77 8.12 18.93
C LEU B 114 -4.27 6.76 18.55
N TYR B 115 -4.72 6.64 17.31
CA TYR B 115 -5.25 5.40 16.82
C TYR B 115 -4.31 4.22 17.00
N GLN B 116 -3.03 4.43 16.69
CA GLN B 116 -2.06 3.34 16.83
C GLN B 116 -1.99 2.97 18.31
N LYS B 117 -2.08 3.96 19.16
CA LYS B 117 -2.05 3.72 20.58
C LYS B 117 -3.22 2.87 20.97
N CYS B 118 -4.28 2.84 20.16
CA CYS B 118 -5.43 2.00 20.52
C CYS B 118 -5.42 0.70 19.79
N GLY B 119 -4.28 0.36 19.19
CA GLY B 119 -4.19 -0.92 18.53
C GLY B 119 -4.23 -0.89 17.02
N PHE B 120 -4.68 0.22 16.46
CA PHE B 120 -4.77 0.32 15.01
C PHE B 120 -3.40 0.27 14.38
N ARG B 121 -3.35 -0.36 13.20
CA ARG B 121 -2.11 -0.48 12.46
C ARG B 121 -2.37 0.13 11.10
N ILE B 122 -1.35 0.76 10.54
CA ILE B 122 -1.55 1.38 9.22
C ILE B 122 -1.58 0.28 8.16
N GLN B 123 -2.62 0.33 7.31
CA GLN B 123 -2.81 -0.66 6.24
C GLN B 123 -2.21 -0.22 4.91
N ALA B 124 -2.79 0.79 4.29
CA ALA B 124 -2.29 1.30 3.02
C ALA B 124 -2.61 2.76 2.91
N ILE B 125 -2.18 3.39 1.83
CA ILE B 125 -2.41 4.82 1.63
C ILE B 125 -3.21 5.05 0.34
N ASP B 126 -4.20 5.95 0.36
CA ASP B 126 -4.99 6.26 -0.84
C ASP B 126 -4.39 7.56 -1.39
N HIS B 127 -3.36 7.42 -2.22
CA HIS B 127 -2.70 8.59 -2.77
C HIS B 127 -3.58 9.58 -3.52
N ASP B 128 -3.25 10.85 -3.38
CA ASP B 128 -3.98 11.93 -4.04
C ASP B 128 -5.46 12.02 -3.66
N PHE B 129 -5.86 11.18 -2.71
CA PHE B 129 -7.24 11.14 -2.27
C PHE B 129 -7.81 12.55 -2.12
N PHE B 130 -7.36 13.30 -1.12
CA PHE B 130 -7.87 14.65 -0.92
C PHE B 130 -7.70 15.56 -2.13
N LEU B 131 -6.86 15.16 -3.07
CA LEU B 131 -6.66 15.99 -4.24
C LEU B 131 -7.82 15.89 -5.21
N ARG B 132 -8.36 14.69 -5.31
CA ARG B 132 -9.44 14.50 -6.22
C ARG B 132 -10.81 14.59 -5.56
N HIS B 133 -10.88 14.46 -4.24
CA HIS B 133 -12.17 14.55 -3.59
C HIS B 133 -12.43 15.90 -2.94
N TYR B 134 -11.51 16.84 -3.08
CA TYR B 134 -11.73 18.17 -2.53
C TYR B 134 -11.28 19.21 -3.52
N ASP B 135 -11.89 20.39 -3.42
CA ASP B 135 -11.57 21.46 -4.35
C ASP B 135 -10.36 22.27 -3.93
N GLU B 136 -10.31 22.63 -2.65
CA GLU B 136 -9.19 23.40 -2.15
C GLU B 136 -8.04 22.57 -1.61
N ASP B 137 -6.95 23.24 -1.24
CA ASP B 137 -5.80 22.53 -0.71
C ASP B 137 -5.87 22.50 0.82
N ILE B 138 -5.95 21.31 1.37
CA ILE B 138 -6.02 21.18 2.82
C ILE B 138 -4.63 21.19 3.38
N PHE B 139 -4.46 21.91 4.49
CA PHE B 139 -3.17 22.01 5.14
C PHE B 139 -3.33 21.86 6.63
N GLU B 140 -2.33 21.28 7.28
CA GLU B 140 -2.39 21.11 8.73
C GLU B 140 -1.04 20.75 9.29
N ASN B 141 -0.62 21.47 10.32
CA ASN B 141 0.68 21.21 10.96
C ASN B 141 1.80 21.37 9.96
N GLY B 142 1.64 22.33 9.05
CA GLY B 142 2.67 22.56 8.06
C GLY B 142 2.86 21.42 7.10
N ILE B 143 1.81 20.63 6.92
CA ILE B 143 1.87 19.51 5.98
C ILE B 143 0.72 19.61 5.02
N GLN B 144 0.97 19.25 3.77
CA GLN B 144 -0.04 19.31 2.73
C GLN B 144 -0.86 18.04 2.77
N CYS B 145 -2.02 18.10 3.42
CA CYS B 145 -2.88 16.91 3.52
C CYS B 145 -3.45 16.51 2.17
N ARG B 146 -2.95 15.42 1.60
CA ARG B 146 -3.44 14.99 0.33
C ARG B 146 -3.49 13.48 0.18
N ASP B 147 -3.22 12.76 1.26
CA ASP B 147 -3.25 11.31 1.21
C ASP B 147 -4.12 10.77 2.33
N MSE B 148 -4.86 9.71 2.05
CA MSE B 148 -5.74 9.12 3.05
C MSE B 148 -5.09 7.89 3.71
O MSE B 148 -5.00 6.84 3.11
CB MSE B 148 -7.07 8.76 2.40
CG MSE B 148 -8.08 8.10 3.30
SE MSE B 148 -8.61 9.20 4.75
CE MSE B 148 -10.07 10.20 3.89
N VAL B 149 -4.64 8.04 4.95
CA VAL B 149 -4.02 6.90 5.62
C VAL B 149 -5.06 5.95 6.15
N ARG B 150 -5.05 4.73 5.63
CA ARG B 150 -6.00 3.71 6.02
C ARG B 150 -5.48 2.82 7.15
N LEU B 151 -6.19 2.73 8.27
CA LEU B 151 -5.74 1.88 9.38
C LEU B 151 -6.76 0.81 9.69
N TYR B 152 -6.34 -0.27 10.34
CA TYR B 152 -7.26 -1.34 10.67
C TYR B 152 -6.93 -1.98 12.03
N LEU B 153 -7.74 -2.95 12.44
CA LEU B 153 -7.54 -3.63 13.70
C LEU B 153 -8.44 -4.86 13.79
N ASP B 154 -7.82 -6.05 13.77
CA ASP B 154 -8.57 -7.30 13.86
C ASP B 154 -9.05 -7.52 15.28
N LEU B 155 -10.25 -8.10 15.41
CA LEU B 155 -10.84 -8.35 16.72
C LEU B 155 -10.95 -9.85 17.03
N LEU B 156 -9.81 -10.47 17.39
CA LEU B 156 -9.78 -11.90 17.70
C LEU B 156 -8.45 -12.34 18.36
N LYS C 5 -26.03 -7.04 -24.90
CA LYS C 5 -26.68 -8.35 -25.17
C LYS C 5 -27.42 -8.80 -23.91
N LEU C 6 -26.68 -9.31 -22.94
CA LEU C 6 -27.25 -9.78 -21.68
C LEU C 6 -28.29 -8.80 -21.12
N ARG C 7 -29.42 -9.33 -20.65
CA ARG C 7 -30.47 -8.49 -20.07
C ARG C 7 -30.41 -8.56 -18.56
N ILE C 8 -29.98 -7.45 -17.95
CA ILE C 8 -29.82 -7.37 -16.52
C ILE C 8 -30.95 -6.62 -15.83
N GLU C 9 -31.45 -7.18 -14.74
CA GLU C 9 -32.53 -6.57 -13.99
C GLU C 9 -32.41 -6.86 -12.50
N LEU C 10 -33.04 -6.02 -11.70
CA LEU C 10 -33.03 -6.15 -10.26
C LEU C 10 -33.50 -7.53 -9.82
N GLY C 11 -33.08 -7.93 -8.63
CA GLY C 11 -33.47 -9.23 -8.12
C GLY C 11 -33.88 -9.08 -6.68
N GLU C 12 -34.83 -9.91 -6.27
CA GLU C 12 -35.34 -9.90 -4.90
C GLU C 12 -35.66 -11.30 -4.41
N GLU C 13 -35.76 -12.25 -5.35
CA GLU C 13 -36.07 -13.63 -5.02
C GLU C 13 -34.91 -14.58 -5.30
N THR C 14 -34.40 -15.18 -4.22
CA THR C 14 -33.28 -16.10 -4.32
C THR C 14 -33.77 -17.55 -4.41
N ASN C 15 -33.23 -18.30 -5.36
CA ASN C 15 -33.60 -19.70 -5.55
C ASN C 15 -32.34 -20.50 -5.81
N ASP C 16 -32.43 -21.82 -5.69
CA ASP C 16 -31.26 -22.65 -5.90
C ASP C 16 -30.45 -22.30 -7.13
N GLU C 17 -31.14 -21.99 -8.22
CA GLU C 17 -30.45 -21.66 -9.46
C GLU C 17 -29.56 -20.43 -9.30
N LEU C 18 -30.03 -19.47 -8.50
CA LEU C 18 -29.28 -18.24 -8.28
C LEU C 18 -28.15 -18.44 -7.27
N TYR C 19 -28.45 -19.14 -6.17
CA TYR C 19 -27.42 -19.41 -5.16
C TYR C 19 -26.23 -20.14 -5.76
N ASP C 20 -26.49 -20.92 -6.80
CA ASP C 20 -25.42 -21.67 -7.46
C ASP C 20 -24.35 -20.73 -7.98
N LEU C 21 -24.77 -19.60 -8.54
CA LEU C 21 -23.85 -18.62 -9.05
C LEU C 21 -23.15 -17.86 -7.93
N LEU C 22 -23.94 -17.31 -7.01
CA LEU C 22 -23.41 -16.55 -5.88
C LEU C 22 -22.39 -17.35 -5.09
N LEU C 23 -22.61 -18.66 -5.03
CA LEU C 23 -21.72 -19.55 -4.31
C LEU C 23 -20.46 -19.88 -5.11
N LEU C 24 -20.46 -19.55 -6.40
CA LEU C 24 -19.30 -19.82 -7.23
C LEU C 24 -18.20 -18.89 -6.77
N ALA C 25 -18.60 -17.67 -6.40
CA ALA C 25 -17.65 -16.66 -5.95
C ALA C 25 -17.39 -16.78 -4.47
N ASP C 26 -18.45 -16.66 -3.67
CA ASP C 26 -18.31 -16.74 -2.23
C ASP C 26 -18.89 -18.06 -1.73
N PRO C 27 -18.02 -19.02 -1.36
CA PRO C 27 -18.49 -20.32 -0.88
C PRO C 27 -19.43 -20.22 0.32
N SER C 28 -19.02 -19.44 1.32
CA SER C 28 -19.82 -19.24 2.54
C SER C 28 -21.20 -18.66 2.28
N LYS C 29 -22.21 -19.52 2.34
CA LYS C 29 -23.59 -19.10 2.09
C LYS C 29 -24.06 -18.13 3.16
N ASP C 30 -23.50 -18.26 4.36
CA ASP C 30 -23.86 -17.37 5.45
C ASP C 30 -23.55 -15.93 5.08
N ILE C 31 -22.27 -15.66 4.86
CA ILE C 31 -21.82 -14.32 4.49
C ILE C 31 -22.59 -13.79 3.29
N VAL C 32 -22.89 -14.69 2.36
CA VAL C 32 -23.63 -14.28 1.17
C VAL C 32 -24.96 -13.65 1.57
N ASP C 33 -25.74 -14.38 2.37
CA ASP C 33 -27.05 -13.88 2.80
C ASP C 33 -26.98 -12.52 3.47
N GLU C 34 -25.90 -12.28 4.20
CA GLU C 34 -25.70 -11.02 4.90
C GLU C 34 -25.74 -9.85 3.92
N TYR C 35 -24.79 -9.82 3.00
CA TYR C 35 -24.73 -8.74 2.02
C TYR C 35 -25.78 -8.86 0.94
N LEU C 36 -26.35 -10.05 0.78
CA LEU C 36 -27.38 -10.28 -0.24
C LEU C 36 -28.59 -9.44 0.14
N GLU C 37 -28.79 -9.29 1.45
CA GLU C 37 -29.89 -8.52 1.98
C GLU C 37 -29.54 -7.04 2.08
N ARG C 38 -28.53 -6.75 2.89
CA ARG C 38 -28.08 -5.37 3.08
C ARG C 38 -27.63 -4.71 1.78
N GLY C 39 -27.37 -5.55 0.76
CA GLY C 39 -26.91 -5.07 -0.53
C GLY C 39 -27.91 -5.28 -1.65
N GLU C 40 -27.60 -4.71 -2.82
CA GLU C 40 -28.46 -4.81 -3.99
C GLU C 40 -27.99 -5.92 -4.91
N CYS C 41 -28.86 -6.88 -5.17
CA CYS C 41 -28.51 -8.00 -6.04
C CYS C 41 -29.16 -7.91 -7.41
N TYR C 42 -28.34 -7.88 -8.46
CA TYR C 42 -28.86 -7.80 -9.81
C TYR C 42 -28.64 -9.14 -10.51
N THR C 43 -29.56 -9.53 -11.39
CA THR C 43 -29.42 -10.78 -12.14
C THR C 43 -29.44 -10.51 -13.62
N ALA C 44 -28.58 -11.21 -14.35
CA ALA C 44 -28.50 -11.03 -15.79
C ALA C 44 -28.98 -12.28 -16.50
N TRP C 45 -29.96 -12.11 -17.37
CA TRP C 45 -30.49 -13.23 -18.12
C TRP C 45 -30.17 -13.09 -19.60
N ALA C 46 -29.95 -14.24 -20.24
CA ALA C 46 -29.67 -14.32 -21.66
C ALA C 46 -30.80 -15.16 -22.28
N GLY C 47 -31.96 -14.54 -22.38
CA GLY C 47 -33.15 -15.21 -22.91
C GLY C 47 -34.02 -15.64 -21.74
N ASP C 48 -33.94 -16.92 -21.40
CA ASP C 48 -34.72 -17.48 -20.29
C ASP C 48 -33.74 -18.16 -19.34
N GLU C 49 -32.49 -18.24 -19.77
CA GLU C 49 -31.44 -18.88 -18.99
C GLU C 49 -30.74 -17.85 -18.08
N LEU C 50 -30.46 -18.25 -16.84
CA LEU C 50 -29.79 -17.37 -15.89
C LEU C 50 -28.32 -17.28 -16.26
N ALA C 51 -27.94 -16.20 -16.92
CA ALA C 51 -26.54 -16.00 -17.35
C ALA C 51 -25.59 -15.79 -16.18
N GLY C 52 -25.75 -14.67 -15.48
CA GLY C 52 -24.89 -14.37 -14.35
C GLY C 52 -25.56 -13.54 -13.28
N VAL C 53 -24.76 -13.06 -12.32
CA VAL C 53 -25.26 -12.25 -11.21
C VAL C 53 -24.15 -11.44 -10.54
N TYR C 54 -24.53 -10.37 -9.85
CA TYR C 54 -23.58 -9.54 -9.14
C TYR C 54 -24.32 -8.72 -8.08
N VAL C 55 -23.67 -8.48 -6.94
CA VAL C 55 -24.26 -7.71 -5.85
C VAL C 55 -23.50 -6.42 -5.55
N LEU C 56 -24.24 -5.33 -5.37
CA LEU C 56 -23.63 -4.05 -5.07
C LEU C 56 -23.89 -3.72 -3.63
N LEU C 57 -22.86 -3.76 -2.80
CA LEU C 57 -23.01 -3.44 -1.37
C LEU C 57 -22.41 -2.08 -1.11
N LYS C 58 -23.02 -1.30 -0.22
CA LYS C 58 -22.45 0.02 0.08
C LYS C 58 -21.53 -0.11 1.30
N THR C 59 -20.27 0.27 1.13
CA THR C 59 -19.27 0.19 2.19
C THR C 59 -19.01 1.54 2.87
N ARG C 60 -17.85 2.14 2.60
CA ARG C 60 -17.52 3.43 3.20
C ARG C 60 -18.47 4.48 2.65
N PRO C 61 -18.48 5.65 3.27
CA PRO C 61 -19.36 6.74 2.83
C PRO C 61 -19.06 7.05 1.38
N GLN C 62 -20.09 7.29 0.58
CA GLN C 62 -19.92 7.63 -0.84
C GLN C 62 -19.16 6.55 -1.62
N THR C 63 -18.94 5.41 -0.98
CA THR C 63 -18.23 4.29 -1.59
C THR C 63 -19.07 3.02 -1.69
N VAL C 64 -19.05 2.39 -2.86
CA VAL C 64 -19.79 1.15 -3.09
C VAL C 64 -18.87 0.07 -3.65
N GLU C 65 -19.12 -1.17 -3.28
CA GLU C 65 -18.28 -2.27 -3.71
C GLU C 65 -19.04 -3.44 -4.32
N ILE C 66 -18.40 -4.14 -5.26
CA ILE C 66 -19.02 -5.29 -5.90
C ILE C 66 -18.63 -6.47 -5.06
N VAL C 67 -19.37 -6.72 -3.99
CA VAL C 67 -19.09 -7.83 -3.07
C VAL C 67 -19.19 -9.22 -3.68
N ASN C 68 -19.76 -9.31 -4.87
CA ASN C 68 -19.89 -10.61 -5.54
C ASN C 68 -20.28 -10.49 -7.00
N ILE C 69 -19.65 -11.29 -7.84
CA ILE C 69 -19.95 -11.30 -9.27
C ILE C 69 -19.57 -12.67 -9.80
N ALA C 70 -20.46 -13.25 -10.61
CA ALA C 70 -20.24 -14.57 -11.19
C ALA C 70 -21.02 -14.77 -12.49
N VAL C 71 -20.58 -15.73 -13.29
CA VAL C 71 -21.23 -16.06 -14.55
C VAL C 71 -21.23 -17.59 -14.71
N LYS C 72 -22.37 -18.13 -15.12
CA LYS C 72 -22.51 -19.57 -15.30
C LYS C 72 -21.32 -20.12 -16.07
N GLU C 73 -20.67 -21.13 -15.51
CA GLU C 73 -19.49 -21.69 -16.17
C GLU C 73 -19.71 -21.98 -17.65
N SER C 74 -20.86 -22.58 -17.97
CA SER C 74 -21.19 -22.94 -19.35
C SER C 74 -21.49 -21.72 -20.23
N LEU C 75 -21.31 -20.53 -19.68
CA LEU C 75 -21.58 -19.31 -20.43
C LEU C 75 -20.50 -18.28 -20.23
N GLN C 76 -19.58 -18.55 -19.30
CA GLN C 76 -18.53 -17.59 -19.08
C GLN C 76 -17.51 -17.71 -20.21
N LYS C 77 -16.63 -16.71 -20.27
CA LYS C 77 -15.57 -16.62 -21.29
C LYS C 77 -16.16 -16.15 -22.60
N LYS C 78 -17.42 -15.71 -22.57
CA LYS C 78 -18.06 -15.23 -23.77
C LYS C 78 -18.18 -13.72 -23.76
N GLY C 79 -17.69 -13.11 -22.69
CA GLY C 79 -17.74 -11.66 -22.60
C GLY C 79 -18.80 -11.11 -21.66
N PHE C 80 -19.57 -12.01 -21.03
CA PHE C 80 -20.62 -11.57 -20.10
C PHE C 80 -19.99 -10.99 -18.85
N GLY C 81 -18.80 -11.47 -18.52
CA GLY C 81 -18.12 -10.97 -17.33
C GLY C 81 -17.95 -9.48 -17.43
N LYS C 82 -17.28 -9.04 -18.50
CA LYS C 82 -17.07 -7.62 -18.70
C LYS C 82 -18.38 -6.83 -18.69
N GLN C 83 -19.43 -7.37 -19.31
CA GLN C 83 -20.72 -6.67 -19.35
C GLN C 83 -21.25 -6.37 -17.97
N LEU C 84 -21.16 -7.37 -17.08
CA LEU C 84 -21.62 -7.20 -15.72
C LEU C 84 -20.84 -6.12 -14.97
N VAL C 85 -19.52 -6.19 -15.07
CA VAL C 85 -18.67 -5.22 -14.42
C VAL C 85 -19.02 -3.83 -14.89
N LEU C 86 -19.01 -3.64 -16.21
CA LEU C 86 -19.33 -2.34 -16.78
C LEU C 86 -20.74 -1.89 -16.39
N ASP C 87 -21.60 -2.86 -16.13
CA ASP C 87 -22.99 -2.57 -15.75
C ASP C 87 -23.01 -2.17 -14.27
N ALA C 88 -22.28 -2.90 -13.45
CA ALA C 88 -22.24 -2.57 -12.03
C ALA C 88 -21.73 -1.14 -11.88
N ILE C 89 -20.86 -0.71 -12.78
CA ILE C 89 -20.33 0.63 -12.68
C ILE C 89 -21.41 1.66 -12.96
N GLU C 90 -22.36 1.30 -13.81
CA GLU C 90 -23.42 2.23 -14.13
C GLU C 90 -24.44 2.29 -13.00
N LYS C 91 -24.76 1.15 -12.42
CA LYS C 91 -25.71 1.13 -11.32
C LYS C 91 -25.10 1.97 -10.19
N ALA C 92 -23.79 1.86 -10.04
CA ALA C 92 -23.06 2.59 -9.01
C ALA C 92 -23.07 4.09 -9.28
N LYS C 93 -23.05 4.48 -10.55
CA LYS C 93 -23.09 5.90 -10.84
C LYS C 93 -24.43 6.48 -10.41
N LYS C 94 -25.52 5.88 -10.87
CA LYS C 94 -26.84 6.38 -10.52
C LYS C 94 -27.08 6.32 -9.03
N LEU C 95 -26.24 5.57 -8.33
CA LEU C 95 -26.40 5.47 -6.88
C LEU C 95 -25.72 6.66 -6.21
N GLY C 96 -25.12 7.53 -7.02
CA GLY C 96 -24.46 8.71 -6.49
C GLY C 96 -23.13 8.45 -5.80
N ALA C 97 -22.63 7.22 -5.92
CA ALA C 97 -21.36 6.85 -5.31
C ALA C 97 -20.20 7.60 -5.97
N ASP C 98 -19.15 7.87 -5.21
CA ASP C 98 -17.97 8.57 -5.73
C ASP C 98 -16.94 7.59 -6.21
N THR C 99 -16.79 6.50 -5.47
CA THR C 99 -15.81 5.47 -5.80
C THR C 99 -16.40 4.09 -5.67
N ILE C 100 -16.05 3.23 -6.60
CA ILE C 100 -16.52 1.86 -6.57
C ILE C 100 -15.31 0.93 -6.40
N GLU C 101 -15.46 -0.10 -5.57
CA GLU C 101 -14.37 -1.02 -5.31
C GLU C 101 -14.69 -2.47 -5.64
N ILE C 102 -13.68 -3.33 -5.56
CA ILE C 102 -13.82 -4.75 -5.81
C ILE C 102 -12.42 -5.34 -5.62
N GLY C 103 -12.34 -6.52 -4.99
CA GLY C 103 -11.03 -7.12 -4.79
C GLY C 103 -11.05 -8.65 -4.88
N THR C 104 -9.96 -9.24 -5.36
CA THR C 104 -9.91 -10.68 -5.45
C THR C 104 -8.56 -11.18 -4.99
N GLY C 105 -8.39 -12.50 -5.03
CA GLY C 105 -7.12 -13.06 -4.61
C GLY C 105 -6.00 -12.79 -5.59
N ASN C 106 -4.80 -12.60 -5.06
CA ASN C 106 -3.63 -12.36 -5.89
C ASN C 106 -3.47 -13.47 -6.95
N SER C 107 -4.02 -14.64 -6.70
CA SER C 107 -3.89 -15.73 -7.66
C SER C 107 -4.83 -15.55 -8.85
N SER C 108 -5.92 -14.82 -8.65
CA SER C 108 -6.89 -14.62 -9.74
C SER C 108 -6.36 -13.75 -10.85
N ILE C 109 -5.37 -14.27 -11.56
CA ILE C 109 -4.76 -13.53 -12.65
C ILE C 109 -5.75 -13.04 -13.69
N HIS C 110 -6.67 -13.91 -14.10
CA HIS C 110 -7.66 -13.52 -15.09
C HIS C 110 -8.41 -12.27 -14.67
N GLN C 111 -8.97 -12.29 -13.47
CA GLN C 111 -9.74 -11.16 -12.96
C GLN C 111 -8.90 -9.90 -12.86
N LEU C 112 -7.67 -10.04 -12.36
CA LEU C 112 -6.79 -8.88 -12.23
C LEU C 112 -6.73 -8.14 -13.56
N SER C 113 -6.88 -8.88 -14.65
CA SER C 113 -6.86 -8.30 -15.99
C SER C 113 -8.22 -7.66 -16.34
N LEU C 114 -9.26 -8.48 -16.23
CA LEU C 114 -10.62 -8.06 -16.53
C LEU C 114 -10.98 -6.74 -15.90
N TYR C 115 -10.94 -6.71 -14.57
CA TYR C 115 -11.30 -5.50 -13.84
C TYR C 115 -10.52 -4.28 -14.29
N GLN C 116 -9.21 -4.44 -14.51
CA GLN C 116 -8.40 -3.33 -14.94
C GLN C 116 -8.87 -2.87 -16.28
N LYS C 117 -9.28 -3.84 -17.11
CA LYS C 117 -9.78 -3.51 -18.42
C LYS C 117 -11.05 -2.70 -18.30
N CYS C 118 -11.71 -2.74 -17.15
CA CYS C 118 -12.93 -1.96 -17.01
C CYS C 118 -12.68 -0.68 -16.25
N GLY C 119 -11.41 -0.31 -16.13
CA GLY C 119 -11.08 0.92 -15.46
C GLY C 119 -10.54 0.83 -14.05
N PHE C 120 -10.74 -0.31 -13.41
CA PHE C 120 -10.27 -0.50 -12.06
C PHE C 120 -8.77 -0.40 -11.97
N ARG C 121 -8.30 0.17 -10.87
CA ARG C 121 -6.88 0.32 -10.64
C ARG C 121 -6.58 -0.38 -9.34
N ILE C 122 -5.42 -0.99 -9.22
CA ILE C 122 -5.08 -1.66 -7.98
C ILE C 122 -4.76 -0.61 -6.91
N GLN C 123 -5.38 -0.75 -5.74
CA GLN C 123 -5.18 0.18 -4.64
C GLN C 123 -4.11 -0.26 -3.64
N ALA C 124 -4.39 -1.34 -2.92
CA ALA C 124 -3.45 -1.86 -1.94
C ALA C 124 -3.68 -3.35 -1.81
N ILE C 125 -2.86 -4.01 -1.00
CA ILE C 125 -2.97 -5.45 -0.81
C ILE C 125 -3.20 -5.79 0.66
N ASP C 126 -4.11 -6.72 0.94
CA ASP C 126 -4.37 -7.13 2.33
C ASP C 126 -3.56 -8.39 2.59
N HIS C 127 -2.30 -8.25 2.98
CA HIS C 127 -1.45 -9.41 3.17
C HIS C 127 -1.97 -10.45 4.14
N ASP C 128 -1.68 -11.71 3.83
CA ASP C 128 -2.07 -12.89 4.62
C ASP C 128 -3.55 -13.02 4.82
N PHE C 129 -4.31 -12.18 4.11
CA PHE C 129 -5.76 -12.19 4.24
C PHE C 129 -6.35 -13.59 4.24
N PHE C 130 -6.26 -14.29 3.12
CA PHE C 130 -6.80 -15.63 3.05
C PHE C 130 -6.16 -16.58 4.05
N LEU C 131 -5.02 -16.21 4.62
CA LEU C 131 -4.38 -17.11 5.57
C LEU C 131 -5.11 -17.11 6.91
N ARG C 132 -5.57 -15.93 7.30
CA ARG C 132 -6.26 -15.78 8.57
C ARG C 132 -7.78 -15.88 8.46
N HIS C 133 -8.32 -15.72 7.25
CA HIS C 133 -9.76 -15.81 7.11
C HIS C 133 -10.22 -17.13 6.49
N TYR C 134 -9.28 -18.05 6.26
CA TYR C 134 -9.64 -19.37 5.74
C TYR C 134 -8.81 -20.42 6.44
N ASP C 135 -9.37 -21.63 6.52
CA ASP C 135 -8.73 -22.73 7.20
C ASP C 135 -7.73 -23.47 6.31
N GLU C 136 -8.16 -23.78 5.11
CA GLU C 136 -7.31 -24.49 4.17
C GLU C 136 -6.48 -23.59 3.26
N ASP C 137 -5.59 -24.20 2.50
CA ASP C 137 -4.76 -23.44 1.59
C ASP C 137 -5.38 -23.33 0.21
N ILE C 138 -5.72 -22.11 -0.19
CA ILE C 138 -6.33 -21.90 -1.49
C ILE C 138 -5.23 -21.83 -2.54
N PHE C 139 -5.46 -22.52 -3.66
CA PHE C 139 -4.52 -22.54 -4.76
C PHE C 139 -5.23 -22.35 -6.07
N GLU C 140 -4.55 -21.69 -7.01
CA GLU C 140 -5.16 -21.43 -8.31
C GLU C 140 -4.11 -20.97 -9.32
N ASN C 141 -4.11 -21.61 -10.48
CA ASN C 141 -3.16 -21.25 -11.53
C ASN C 141 -1.74 -21.40 -11.02
N GLY C 142 -1.49 -22.45 -10.23
CA GLY C 142 -0.14 -22.65 -9.73
C GLY C 142 0.34 -21.54 -8.83
N ILE C 143 -0.59 -20.82 -8.21
CA ILE C 143 -0.24 -19.74 -7.30
C ILE C 143 -0.93 -19.94 -5.95
N GLN C 144 -0.23 -19.60 -4.88
CA GLN C 144 -0.76 -19.74 -3.54
C GLN C 144 -1.58 -18.50 -3.22
N CYS C 145 -2.90 -18.59 -3.39
CA CYS C 145 -3.77 -17.46 -3.10
C CYS C 145 -3.83 -17.14 -1.61
N ARG C 146 -3.18 -16.05 -1.20
CA ARG C 146 -3.17 -15.69 0.21
C ARG C 146 -3.20 -14.20 0.43
N ASP C 147 -3.36 -13.43 -0.63
CA ASP C 147 -3.40 -11.99 -0.48
C ASP C 147 -4.65 -11.46 -1.16
N MSE C 148 -5.26 -10.45 -0.57
CA MSE C 148 -6.47 -9.86 -1.14
C MSE C 148 -6.16 -8.57 -1.91
O MSE C 148 -5.91 -7.53 -1.31
CB MSE C 148 -7.45 -9.57 -0.01
CG MSE C 148 -8.75 -8.91 -0.46
SE MSE C 148 -9.76 -10.08 -1.66
CE MSE C 148 -10.77 -11.03 -0.29
N VAL C 149 -6.17 -8.64 -3.23
CA VAL C 149 -5.87 -7.45 -4.00
C VAL C 149 -7.06 -6.49 -4.03
N ARG C 150 -6.87 -5.28 -3.51
CA ARG C 150 -7.94 -4.29 -3.46
C ARG C 150 -7.88 -3.33 -4.66
N LEU C 151 -8.97 -3.24 -5.42
CA LEU C 151 -9.00 -2.32 -6.57
C LEU C 151 -10.09 -1.28 -6.41
N TYR C 152 -9.98 -0.17 -7.12
CA TYR C 152 -10.98 0.87 -7.02
C TYR C 152 -11.18 1.56 -8.35
N LEU C 153 -12.12 2.51 -8.38
CA LEU C 153 -12.42 3.27 -9.58
C LEU C 153 -13.32 4.47 -9.26
N ASP C 154 -12.79 5.68 -9.40
CA ASP C 154 -13.55 6.89 -9.12
C ASP C 154 -14.53 7.16 -10.25
N LEU C 155 -15.70 7.69 -9.91
CA LEU C 155 -16.76 7.97 -10.88
C LEU C 155 -17.01 9.47 -11.07
N LEU C 156 -16.12 10.15 -11.81
CA LEU C 156 -16.26 11.60 -12.02
C LEU C 156 -15.24 12.11 -13.09
N LYS D 5 17.97 -26.32 -17.97
CA LYS D 5 18.34 -26.32 -19.40
C LYS D 5 19.28 -25.14 -19.66
N LEU D 6 18.70 -23.95 -19.74
CA LEU D 6 19.47 -22.74 -19.97
C LEU D 6 20.76 -22.67 -19.12
N ARG D 7 21.87 -22.30 -19.75
CA ARG D 7 23.15 -22.17 -19.05
C ARG D 7 23.40 -20.71 -18.73
N ILE D 8 23.34 -20.38 -17.45
CA ILE D 8 23.53 -19.02 -17.00
C ILE D 8 24.88 -18.80 -16.37
N GLU D 9 25.51 -17.69 -16.72
CA GLU D 9 26.82 -17.36 -16.19
C GLU D 9 27.00 -15.84 -16.10
N LEU D 10 27.92 -15.44 -15.22
CA LEU D 10 28.22 -14.03 -15.00
C LEU D 10 28.56 -13.31 -16.29
N GLY D 11 28.37 -12.00 -16.28
CA GLY D 11 28.65 -11.22 -17.46
C GLY D 11 29.39 -9.97 -17.07
N GLU D 12 30.27 -9.53 -17.95
CA GLU D 12 31.07 -8.35 -17.71
C GLU D 12 31.26 -7.53 -18.98
N GLU D 13 31.00 -8.16 -20.14
CA GLU D 13 31.15 -7.50 -21.43
C GLU D 13 29.81 -7.29 -22.13
N THR D 14 29.47 -6.02 -22.33
CA THR D 14 28.22 -5.64 -22.97
C THR D 14 28.44 -5.38 -24.46
N ASN D 15 27.60 -5.97 -25.29
CA ASN D 15 27.68 -5.81 -26.74
C ASN D 15 26.27 -5.59 -27.29
N ASP D 16 26.17 -5.14 -28.54
CA ASP D 16 24.85 -4.88 -29.10
C ASP D 16 23.86 -5.99 -28.90
N GLU D 17 24.31 -7.23 -29.04
CA GLU D 17 23.42 -8.36 -28.88
C GLU D 17 22.80 -8.42 -27.47
N LEU D 18 23.58 -8.01 -26.47
CA LEU D 18 23.11 -8.02 -25.09
C LEU D 18 22.23 -6.81 -24.79
N TYR D 19 22.65 -5.64 -25.24
CA TYR D 19 21.88 -4.43 -25.01
C TYR D 19 20.48 -4.58 -25.58
N ASP D 20 20.38 -5.39 -26.63
CA ASP D 20 19.08 -5.61 -27.28
C ASP D 20 18.08 -6.16 -26.30
N LEU D 21 18.53 -7.08 -25.45
CA LEU D 21 17.67 -7.68 -24.45
C LEU D 21 17.38 -6.72 -23.28
N LEU D 22 18.44 -6.15 -22.72
CA LEU D 22 18.32 -5.23 -21.61
C LEU D 22 17.39 -4.09 -21.98
N LEU D 23 17.41 -3.70 -23.24
CA LEU D 23 16.57 -2.61 -23.71
C LEU D 23 15.13 -3.04 -23.95
N LEU D 24 14.89 -4.35 -23.95
CA LEU D 24 13.53 -4.83 -24.13
C LEU D 24 12.75 -4.47 -22.91
N ALA D 25 13.41 -4.56 -21.75
CA ALA D 25 12.77 -4.26 -20.48
C ALA D 25 12.85 -2.77 -20.16
N ASP D 26 14.05 -2.24 -20.07
CA ASP D 26 14.23 -0.83 -19.77
C ASP D 26 14.67 -0.08 -21.01
N PRO D 27 13.77 0.68 -21.63
CA PRO D 27 14.13 1.43 -22.83
C PRO D 27 15.33 2.37 -22.67
N SER D 28 15.31 3.14 -21.57
CA SER D 28 16.39 4.10 -21.28
C SER D 28 17.75 3.46 -21.10
N LYS D 29 18.58 3.57 -22.14
CA LYS D 29 19.91 2.98 -22.10
C LYS D 29 20.74 3.60 -21.00
N ASP D 30 20.49 4.88 -20.73
CA ASP D 30 21.23 5.57 -19.69
C ASP D 30 21.06 4.85 -18.36
N ILE D 31 19.82 4.78 -17.88
CA ILE D 31 19.52 4.16 -16.61
C ILE D 31 20.08 2.74 -16.59
N VAL D 32 20.02 2.07 -17.72
CA VAL D 32 20.53 0.71 -17.80
C VAL D 32 22.00 0.66 -17.39
N ASP D 33 22.81 1.48 -18.04
CA ASP D 33 24.23 1.51 -17.75
C ASP D 33 24.54 1.77 -16.27
N GLU D 34 23.71 2.58 -15.63
CA GLU D 34 23.88 2.91 -14.22
C GLU D 34 23.90 1.64 -13.36
N TYR D 35 22.77 0.96 -13.34
CA TYR D 35 22.67 -0.26 -12.57
C TYR D 35 23.40 -1.43 -13.20
N LEU D 36 23.73 -1.32 -14.47
CA LEU D 36 24.44 -2.40 -15.16
C LEU D 36 25.84 -2.50 -14.55
N GLU D 37 26.35 -1.36 -14.12
CA GLU D 37 27.66 -1.28 -13.51
C GLU D 37 27.59 -1.55 -12.00
N ARG D 38 26.83 -0.71 -11.29
CA ARG D 38 26.70 -0.85 -9.85
C ARG D 38 26.06 -2.19 -9.46
N GLY D 39 25.43 -2.85 -10.43
CA GLY D 39 24.77 -4.12 -10.20
C GLY D 39 25.42 -5.32 -10.88
N GLU D 40 24.95 -6.53 -10.58
CA GLU D 40 25.51 -7.74 -11.16
C GLU D 40 24.67 -8.21 -12.33
N CYS D 41 25.29 -8.32 -13.50
CA CYS D 41 24.58 -8.74 -14.70
C CYS D 41 24.89 -10.18 -15.09
N TYR D 42 23.87 -11.03 -15.15
CA TYR D 42 24.05 -12.42 -15.53
C TYR D 42 23.46 -12.67 -16.91
N THR D 43 24.09 -13.53 -17.72
CA THR D 43 23.57 -13.84 -19.05
C THR D 43 23.29 -15.33 -19.16
N ALA D 44 22.20 -15.67 -19.81
CA ALA D 44 21.84 -17.07 -19.96
C ALA D 44 21.92 -17.45 -21.41
N TRP D 45 22.70 -18.49 -21.70
CA TRP D 45 22.86 -18.96 -23.07
C TRP D 45 22.24 -20.34 -23.23
N ALA D 46 21.69 -20.57 -24.42
CA ALA D 46 21.07 -21.84 -24.80
C ALA D 46 21.87 -22.36 -25.99
N GLY D 47 23.06 -22.86 -25.69
CA GLY D 47 23.95 -23.36 -26.71
C GLY D 47 24.98 -22.29 -27.02
N ASP D 48 24.78 -21.59 -28.13
CA ASP D 48 25.69 -20.52 -28.55
C ASP D 48 24.87 -19.25 -28.73
N GLU D 49 23.55 -19.42 -28.65
CA GLU D 49 22.63 -18.30 -28.81
C GLU D 49 22.34 -17.63 -27.47
N LEU D 50 22.27 -16.30 -27.48
CA LEU D 50 22.00 -15.54 -26.27
C LEU D 50 20.52 -15.67 -25.94
N ALA D 51 20.18 -16.53 -25.00
CA ALA D 51 18.78 -16.73 -24.62
C ALA D 51 18.18 -15.51 -23.93
N GLY D 52 18.66 -15.21 -22.73
CA GLY D 52 18.15 -14.07 -21.99
C GLY D 52 19.18 -13.44 -21.07
N VAL D 53 18.71 -12.55 -20.20
CA VAL D 53 19.59 -11.83 -19.28
C VAL D 53 18.81 -11.24 -18.09
N TYR D 54 19.52 -10.94 -17.00
CA TYR D 54 18.91 -10.35 -15.85
C TYR D 54 19.96 -9.71 -14.97
N VAL D 55 19.63 -8.59 -14.32
CA VAL D 55 20.57 -7.90 -13.47
C VAL D 55 20.11 -7.86 -12.01
N LEU D 56 21.03 -8.12 -11.08
CA LEU D 56 20.72 -8.10 -9.67
C LEU D 56 21.35 -6.88 -9.05
N LEU D 57 20.55 -5.91 -8.65
CA LEU D 57 21.08 -4.70 -8.05
C LEU D 57 20.79 -4.74 -6.57
N LYS D 58 21.69 -4.22 -5.73
CA LYS D 58 21.45 -4.22 -4.30
C LYS D 58 20.83 -2.88 -3.92
N THR D 59 19.65 -2.93 -3.31
CA THR D 59 18.93 -1.71 -2.90
C THR D 59 19.05 -1.40 -1.41
N ARG D 60 17.98 -1.63 -0.66
CA ARG D 60 17.99 -1.39 0.77
C ARG D 60 18.93 -2.39 1.43
N PRO D 61 19.33 -2.12 2.67
CA PRO D 61 20.21 -3.03 3.40
C PRO D 61 19.65 -4.43 3.39
N GLN D 62 20.50 -5.44 3.20
CA GLN D 62 20.06 -6.83 3.21
C GLN D 62 18.99 -7.13 2.16
N THR D 63 18.72 -6.14 1.31
CA THR D 63 17.72 -6.26 0.26
C THR D 63 18.30 -6.13 -1.17
N VAL D 64 17.92 -7.06 -2.03
CA VAL D 64 18.38 -7.07 -3.42
C VAL D 64 17.18 -7.11 -4.39
N GLU D 65 17.32 -6.42 -5.50
CA GLU D 65 16.23 -6.37 -6.48
C GLU D 65 16.61 -6.76 -7.92
N ILE D 66 15.66 -7.35 -8.64
CA ILE D 66 15.91 -7.70 -10.02
C ILE D 66 15.53 -6.51 -10.86
N VAL D 67 16.46 -5.57 -10.99
CA VAL D 67 16.22 -4.33 -11.74
C VAL D 67 15.96 -4.51 -13.23
N ASN D 68 16.19 -5.71 -13.74
CA ASN D 68 15.96 -5.99 -15.16
C ASN D 68 16.02 -7.48 -15.49
N ILE D 69 15.09 -7.94 -16.31
CA ILE D 69 15.07 -9.33 -16.73
C ILE D 69 14.38 -9.39 -18.06
N ALA D 70 14.96 -10.14 -19.00
CA ALA D 70 14.41 -10.28 -20.34
C ALA D 70 14.82 -11.57 -21.04
N VAL D 71 14.03 -11.95 -22.03
CA VAL D 71 14.31 -13.14 -22.82
C VAL D 71 14.03 -12.85 -24.28
N LYS D 72 14.93 -13.28 -25.16
CA LYS D 72 14.80 -13.06 -26.60
C LYS D 72 13.40 -13.43 -27.06
N GLU D 73 12.73 -12.50 -27.73
CA GLU D 73 11.38 -12.74 -28.19
C GLU D 73 11.21 -14.08 -28.90
N SER D 74 12.14 -14.40 -29.78
CA SER D 74 12.07 -15.65 -30.52
C SER D 74 12.35 -16.88 -29.65
N LEU D 75 12.50 -16.67 -28.34
CA LEU D 75 12.79 -17.77 -27.42
C LEU D 75 11.97 -17.68 -26.16
N GLN D 76 11.23 -16.61 -26.01
CA GLN D 76 10.43 -16.50 -24.81
C GLN D 76 9.16 -17.33 -24.98
N LYS D 77 8.48 -17.54 -23.85
CA LYS D 77 7.26 -18.32 -23.81
C LYS D 77 7.58 -19.80 -23.81
N LYS D 78 8.87 -20.12 -23.66
CA LYS D 78 9.31 -21.50 -23.64
C LYS D 78 9.67 -21.94 -22.24
N GLY D 79 9.52 -21.02 -21.29
CA GLY D 79 9.83 -21.36 -19.92
C GLY D 79 11.17 -20.84 -19.42
N PHE D 80 11.89 -20.11 -20.26
CA PHE D 80 13.16 -19.54 -19.86
C PHE D 80 12.95 -18.42 -18.87
N GLY D 81 11.80 -17.76 -18.97
CA GLY D 81 11.51 -16.68 -18.06
C GLY D 81 11.59 -17.20 -16.64
N LYS D 82 10.77 -18.21 -16.34
CA LYS D 82 10.74 -18.78 -15.00
C LYS D 82 12.12 -19.20 -14.54
N GLN D 83 12.90 -19.84 -15.41
CA GLN D 83 14.24 -20.28 -15.04
C GLN D 83 15.12 -19.13 -14.57
N LEU D 84 15.03 -18.00 -15.24
CA LEU D 84 15.85 -16.87 -14.85
C LEU D 84 15.46 -16.35 -13.49
N VAL D 85 14.15 -16.21 -13.27
CA VAL D 85 13.63 -15.72 -11.99
C VAL D 85 14.08 -16.62 -10.85
N LEU D 86 13.82 -17.92 -11.01
CA LEU D 86 14.20 -18.88 -10.00
C LEU D 86 15.71 -18.89 -9.80
N ASP D 87 16.45 -18.51 -10.83
CA ASP D 87 17.90 -18.47 -10.77
C ASP D 87 18.35 -17.22 -10.03
N ALA D 88 17.70 -16.10 -10.33
CA ALA D 88 18.04 -14.85 -9.67
C ALA D 88 17.79 -14.99 -8.17
N ILE D 89 16.84 -15.85 -7.81
CA ILE D 89 16.56 -16.04 -6.42
C ILE D 89 17.72 -16.77 -5.76
N GLU D 90 18.36 -17.66 -6.50
CA GLU D 90 19.48 -18.42 -5.95
C GLU D 90 20.73 -17.56 -5.83
N LYS D 91 20.98 -16.72 -6.81
CA LYS D 91 22.15 -15.86 -6.77
C LYS D 91 21.97 -14.92 -5.59
N ALA D 92 20.72 -14.52 -5.36
CA ALA D 92 20.39 -13.62 -4.27
C ALA D 92 20.57 -14.30 -2.91
N LYS D 93 20.33 -15.60 -2.84
CA LYS D 93 20.51 -16.30 -1.57
C LYS D 93 21.98 -16.32 -1.21
N LYS D 94 22.82 -16.78 -2.14
CA LYS D 94 24.25 -16.83 -1.90
C LYS D 94 24.82 -15.44 -1.62
N LEU D 95 24.06 -14.41 -1.96
CA LEU D 95 24.51 -13.05 -1.74
C LEU D 95 24.20 -12.64 -0.31
N GLY D 96 23.59 -13.55 0.44
CA GLY D 96 23.25 -13.28 1.83
C GLY D 96 22.10 -12.32 2.04
N ALA D 97 21.40 -11.97 0.96
CA ALA D 97 20.28 -11.06 1.06
C ALA D 97 19.14 -11.70 1.85
N ASP D 98 18.34 -10.88 2.51
CA ASP D 98 17.22 -11.38 3.30
C ASP D 98 15.95 -11.39 2.48
N THR D 99 15.80 -10.34 1.68
CA THR D 99 14.62 -10.16 0.86
C THR D 99 14.98 -9.75 -0.53
N ILE D 100 14.29 -10.32 -1.52
CA ILE D 100 14.51 -9.98 -2.92
C ILE D 100 13.24 -9.34 -3.48
N GLU D 101 13.41 -8.28 -4.26
CA GLU D 101 12.27 -7.57 -4.83
C GLU D 101 12.27 -7.52 -6.35
N ILE D 102 11.19 -7.01 -6.92
CA ILE D 102 11.02 -6.87 -8.36
C ILE D 102 9.65 -6.28 -8.60
N GLY D 103 9.53 -5.35 -9.53
CA GLY D 103 8.24 -4.76 -9.78
C GLY D 103 7.98 -4.39 -11.24
N THR D 104 6.74 -4.47 -11.67
CA THR D 104 6.43 -4.11 -13.05
C THR D 104 5.15 -3.34 -13.09
N GLY D 105 4.77 -2.93 -14.29
CA GLY D 105 3.53 -2.17 -14.40
C GLY D 105 2.28 -2.99 -14.16
N ASN D 106 1.28 -2.33 -13.60
CA ASN D 106 0.00 -2.96 -13.32
C ASN D 106 -0.58 -3.60 -14.59
N SER D 107 -0.16 -3.12 -15.75
CA SER D 107 -0.66 -3.67 -17.01
C SER D 107 -0.03 -5.02 -17.35
N SER D 108 1.18 -5.25 -16.85
CA SER D 108 1.89 -6.50 -17.13
C SER D 108 1.24 -7.69 -16.45
N ILE D 109 0.07 -8.06 -16.94
CA ILE D 109 -0.65 -9.18 -16.37
C ILE D 109 0.15 -10.46 -16.38
N HIS D 110 0.82 -10.73 -17.50
CA HIS D 110 1.61 -11.96 -17.60
C HIS D 110 2.62 -12.07 -16.48
N GLN D 111 3.45 -11.04 -16.32
CA GLN D 111 4.47 -11.05 -15.30
C GLN D 111 3.86 -11.16 -13.89
N LEU D 112 2.80 -10.41 -13.62
CA LEU D 112 2.16 -10.47 -12.32
C LEU D 112 1.92 -11.92 -11.93
N SER D 113 1.71 -12.78 -12.93
CA SER D 113 1.47 -14.21 -12.70
C SER D 113 2.76 -14.95 -12.49
N LEU D 114 3.67 -14.79 -13.45
CA LEU D 114 4.98 -15.44 -13.43
C LEU D 114 5.70 -15.29 -12.09
N TYR D 115 5.94 -14.04 -11.73
CA TYR D 115 6.63 -13.75 -10.50
C TYR D 115 6.00 -14.40 -9.27
N GLN D 116 4.68 -14.32 -9.20
CA GLN D 116 3.97 -14.92 -8.06
C GLN D 116 4.18 -16.42 -8.10
N LYS D 117 4.21 -16.98 -9.30
CA LYS D 117 4.44 -18.39 -9.42
C LYS D 117 5.82 -18.73 -8.90
N CYS D 118 6.71 -17.76 -8.82
CA CYS D 118 8.04 -18.04 -8.32
C CYS D 118 8.19 -17.66 -6.88
N GLY D 119 7.07 -17.45 -6.21
CA GLY D 119 7.13 -17.12 -4.80
C GLY D 119 6.93 -15.67 -4.44
N PHE D 120 7.08 -14.76 -5.40
CA PHE D 120 6.90 -13.35 -5.11
C PHE D 120 5.48 -13.03 -4.67
N ARG D 121 5.37 -12.07 -3.77
CA ARG D 121 4.08 -11.64 -3.25
C ARG D 121 4.00 -10.14 -3.48
N ILE D 122 2.81 -9.66 -3.80
CA ILE D 122 2.66 -8.24 -4.04
C ILE D 122 2.75 -7.49 -2.73
N GLN D 123 3.61 -6.46 -2.69
CA GLN D 123 3.82 -5.65 -1.49
C GLN D 123 2.93 -4.41 -1.47
N ALA D 124 3.23 -3.45 -2.33
CA ALA D 124 2.47 -2.21 -2.40
C ALA D 124 2.45 -1.72 -3.83
N ILE D 125 1.78 -0.60 -4.07
CA ILE D 125 1.67 -0.05 -5.41
C ILE D 125 2.17 1.38 -5.42
N ASP D 126 2.96 1.77 -6.42
CA ASP D 126 3.45 3.16 -6.52
C ASP D 126 2.51 3.87 -7.47
N HIS D 127 1.42 4.43 -6.96
CA HIS D 127 0.45 5.09 -7.83
C HIS D 127 1.00 6.21 -8.69
N ASP D 128 0.45 6.33 -9.90
CA ASP D 128 0.84 7.36 -10.85
C ASP D 128 2.31 7.34 -11.24
N PHE D 129 3.01 6.31 -10.79
CA PHE D 129 4.43 6.16 -11.08
C PHE D 129 4.74 6.47 -12.53
N PHE D 130 4.28 5.63 -13.44
CA PHE D 130 4.56 5.85 -14.85
C PHE D 130 4.03 7.18 -15.36
N LEU D 131 3.14 7.79 -14.62
CA LEU D 131 2.59 9.06 -15.09
C LEU D 131 3.58 10.20 -14.91
N ARG D 132 4.32 10.13 -13.81
CA ARG D 132 5.28 11.18 -13.54
C ARG D 132 6.70 10.85 -14.00
N HIS D 133 6.98 9.57 -14.26
CA HIS D 133 8.32 9.21 -14.71
C HIS D 133 8.41 8.95 -16.22
N TYR D 134 7.31 9.15 -16.93
CA TYR D 134 7.34 8.97 -18.38
C TYR D 134 6.54 10.06 -19.03
N ASP D 135 6.92 10.39 -20.25
CA ASP D 135 6.26 11.46 -20.98
C ASP D 135 4.97 11.02 -21.68
N GLU D 136 5.05 9.88 -22.35
CA GLU D 136 3.89 9.35 -23.06
C GLU D 136 3.04 8.41 -22.25
N ASP D 137 1.91 8.01 -22.82
CA ASP D 137 1.03 7.08 -22.12
C ASP D 137 1.34 5.64 -22.50
N ILE D 138 1.76 4.85 -21.53
CA ILE D 138 2.05 3.47 -21.82
C ILE D 138 0.79 2.66 -21.78
N PHE D 139 0.64 1.75 -22.72
CA PHE D 139 -0.53 0.90 -22.78
C PHE D 139 -0.10 -0.51 -23.08
N GLU D 140 -0.85 -1.48 -22.58
CA GLU D 140 -0.52 -2.89 -22.81
C GLU D 140 -1.68 -3.78 -22.41
N ASN D 141 -2.05 -4.70 -23.30
CA ASN D 141 -3.15 -5.62 -23.03
C ASN D 141 -4.45 -4.87 -22.73
N GLY D 142 -4.66 -3.76 -23.42
CA GLY D 142 -5.89 -3.01 -23.20
C GLY D 142 -5.97 -2.39 -21.83
N ILE D 143 -4.82 -2.15 -21.21
CA ILE D 143 -4.78 -1.55 -19.88
C ILE D 143 -3.84 -0.37 -19.91
N GLN D 144 -4.20 0.67 -19.17
CA GLN D 144 -3.39 1.89 -19.10
C GLN D 144 -2.35 1.69 -18.00
N CYS D 145 -1.13 1.34 -18.41
CA CYS D 145 -0.04 1.12 -17.46
C CYS D 145 0.40 2.42 -16.80
N ARG D 146 0.04 2.60 -15.54
CA ARG D 146 0.41 3.83 -14.86
C ARG D 146 0.74 3.60 -13.40
N ASP D 147 0.77 2.36 -12.98
CA ASP D 147 1.08 2.05 -11.59
C ASP D 147 2.19 1.02 -11.51
N MSE D 148 3.09 1.19 -10.53
CA MSE D 148 4.22 0.27 -10.37
C MSE D 148 3.93 -0.76 -9.28
O MSE D 148 3.94 -0.46 -8.10
CB MSE D 148 5.48 1.08 -10.03
CG MSE D 148 6.73 0.26 -9.85
SE MSE D 148 7.23 -0.68 -11.44
CE MSE D 148 8.33 0.67 -12.28
N VAL D 149 3.65 -1.99 -9.67
CA VAL D 149 3.37 -3.00 -8.68
C VAL D 149 4.65 -3.48 -8.08
N ARG D 150 4.78 -3.32 -6.77
CA ARG D 150 6.00 -3.76 -6.07
C ARG D 150 5.84 -5.15 -5.45
N LEU D 151 6.74 -6.07 -5.76
CA LEU D 151 6.65 -7.42 -5.20
C LEU D 151 7.91 -7.75 -4.43
N TYR D 152 7.83 -8.73 -3.54
CA TYR D 152 8.98 -9.13 -2.74
C TYR D 152 8.98 -10.62 -2.45
N LEU D 153 10.02 -11.08 -1.78
CA LEU D 153 10.14 -12.48 -1.43
C LEU D 153 11.28 -12.67 -0.42
N ASP D 154 10.93 -13.07 0.82
CA ASP D 154 11.92 -13.29 1.87
C ASP D 154 12.63 -14.59 1.64
N LEU D 155 13.93 -14.60 1.96
CA LEU D 155 14.77 -15.79 1.77
C LEU D 155 15.22 -16.45 3.09
N LEU D 156 14.30 -17.17 3.74
CA LEU D 156 14.59 -17.83 5.02
C LEU D 156 13.48 -18.82 5.45
N1A COA E . 5.20 16.60 17.54
C2A COA E . 5.06 16.67 16.10
N3A COA E . 6.03 17.54 15.43
C4A COA E . 7.06 18.27 16.18
C5A COA E . 7.18 18.21 17.60
C6A COA E . 6.23 17.34 18.29
N6A COA E . 6.28 17.20 19.70
N7A COA E . 8.23 19.00 18.05
C8A COA E . 8.75 19.57 16.87
N9A COA E . 8.07 19.13 15.71
C1B COA E . 8.29 19.46 14.30
C2B COA E . 8.53 20.94 13.87
O2B COA E . 7.46 21.49 13.20
C3B COA E . 9.81 20.97 13.04
O3B COA E . 9.51 21.51 11.73
P3B COA E . 9.29 23.05 11.47
O7A COA E . 8.20 23.68 12.25
O8A COA E . 10.54 23.78 11.78
O9A COA E . 9.02 23.20 10.04
C4B COA E . 10.32 19.58 12.99
O4B COA E . 9.43 18.71 13.72
C5B COA E . 11.77 19.85 13.53
O5B COA E . 12.39 18.67 14.04
P1A COA E . 13.88 18.58 14.75
O1A COA E . 14.95 18.99 13.88
O2A COA E . 13.97 19.39 16.02
O3A COA E . 13.95 17.02 15.09
P2A COA E . 15.13 16.37 15.86
O4A COA E . 16.10 17.41 16.23
O5A COA E . 14.66 15.71 17.05
O6A COA E . 15.83 15.27 15.22
CBP COA E . 16.11 13.03 14.40
CCP COA E . 15.76 14.56 14.03
CDP COA E . 17.44 13.13 13.61
CEP COA E . 15.11 12.00 13.72
CAP COA E . 16.40 12.75 16.01
OAP COA E . 15.04 12.66 16.49
C9P COA E . 17.10 11.39 16.22
O9P COA E . 18.27 11.28 15.90
N8P COA E . 16.32 10.34 16.80
C7P COA E . 16.68 8.97 17.14
C6P COA E . 17.19 8.03 16.01
C5P COA E . 16.22 7.67 14.96
O5P COA E . 15.13 7.11 15.26
N4P COA E . 16.61 8.03 13.62
C3P COA E . 15.88 7.84 12.38
C2P COA E . 15.88 6.35 11.84
S1P COA E . 16.10 6.32 10.01
N1A COA F . -4.74 12.42 28.95
C2A COA F . -4.51 11.88 27.62
N3A COA F . -3.72 12.74 26.78
C4A COA F . -3.21 14.03 27.26
C5A COA F . -3.44 14.54 28.57
C6A COA F . -4.23 13.72 29.43
N6A COA F . -4.51 14.18 30.75
N7A COA F . -2.86 15.77 28.75
C8A COA F . -2.25 16.03 27.52
N9A COA F . -2.45 14.96 26.61
C1B COA F . -2.01 14.83 25.25
C2B COA F . -0.97 13.72 24.88
O2B COA F . 0.32 14.25 24.60
C3B COA F . -1.61 12.95 23.70
O3B COA F . -0.68 13.06 22.60
P3B COA F . -0.46 11.93 21.60
O7A COA F . -0.03 10.67 22.22
O8A COA F . -1.71 11.68 20.84
O9A COA F . 0.54 12.43 20.64
C4B COA F . -2.91 13.56 23.41
O4B COA F . -3.14 14.66 24.31
C5B COA F . -3.91 12.33 23.48
O5B COA F . -5.17 12.75 22.89
P1A COA F . -6.73 12.72 23.49
O1A COA F . -7.22 11.41 23.79
O2A COA F . -6.89 13.61 24.69
O3A COA F . -7.42 13.43 22.27
P2A COA F . -8.89 13.87 22.14
O4A COA F . -9.65 13.55 23.34
O5A COA F . -8.89 15.29 21.95
O6A COA F . -9.58 13.43 20.93
CBP COA F . -9.68 13.47 18.43
CCP COA F . -9.30 12.66 19.78
CDP COA F . -10.85 12.45 18.23
CEP COA F . -8.60 13.32 17.28
CAP COA F . -10.23 15.00 18.68
OAP COA F . -8.99 15.74 18.78
C9P COA F . -11.03 15.54 17.53
O9P COA F . -12.12 15.04 17.27
N8P COA F . -10.50 16.62 16.79
C7P COA F . -11.10 17.31 15.64
C6P COA F . -11.90 16.40 14.58
C5P COA F . -11.17 15.21 14.00
O5P COA F . -9.98 15.31 13.70
N4P COA F . -11.92 14.01 13.85
C3P COA F . -11.45 12.73 13.33
C2P COA F . -11.58 12.57 11.74
S1P COA F . -12.13 10.86 11.23
N1A COA G . -16.33 -14.37 -27.57
C2A COA G . -15.22 -15.21 -27.15
N3A COA G . -14.33 -14.57 -26.18
C4A COA G . -14.55 -13.20 -25.70
C5A COA G . -15.64 -12.37 -26.13
C6A COA G . -16.56 -13.00 -27.09
N6A COA G . -17.69 -12.27 -27.59
N7A COA G . -15.59 -11.13 -25.50
C8A COA G . -14.45 -11.21 -24.69
N9A COA G . -13.80 -12.47 -24.79
C1B COA G . -12.64 -12.96 -24.13
C2B COA G . -11.40 -12.04 -24.12
O2B COA G . -10.35 -12.50 -24.95
C3B COA G . -11.00 -11.88 -22.64
O3B COA G . -9.64 -12.30 -22.47
P3B COA G . -8.46 -11.31 -22.62
O7A COA G . -8.39 -10.63 -23.93
O8A COA G . -8.56 -10.28 -21.55
O9A COA G . -7.25 -12.10 -22.39
C4B COA G . -11.95 -12.69 -21.83
O4B COA G . -12.90 -13.30 -22.72
C5B COA G . -12.48 -11.60 -20.80
O5B COA G . -13.13 -12.26 -19.71
P1A COA G . -14.75 -12.54 -19.57
O1A COA G . -15.55 -11.36 -19.54
O2A COA G . -15.22 -13.44 -20.67
O3A COA G . -14.74 -13.36 -18.22
P2A COA G . -15.96 -14.04 -17.57
O4A COA G . -17.13 -13.84 -18.39
O5A COA G . -15.66 -15.44 -17.45
O6A COA G . -16.28 -13.67 -16.20
CBP COA G . -15.78 -13.63 -13.82
CCP COA G . -15.78 -12.81 -15.21
CDP COA G . -16.85 -12.65 -13.22
CEP COA G . -14.40 -13.50 -13.07
CAP COA G . -16.34 -15.19 -13.98
OAP COA G . -15.12 -15.79 -14.53
C9P COA G . -16.65 -15.82 -12.62
O9P COA G . -17.66 -15.43 -12.02
N8P COA G . -15.75 -16.80 -12.12
C7P COA G . -15.78 -17.55 -10.87
C6P COA G . -16.12 -16.78 -9.53
C5P COA G . -15.02 -16.01 -8.83
O5P COA G . -13.85 -16.45 -8.77
N4P COA G . -15.45 -14.76 -8.24
C3P COA G . -14.66 -13.81 -7.49
C2P COA G . -15.21 -12.33 -7.64
S1P COA G . -16.22 -11.81 -6.21
N1A COA H . -0.75 -17.58 -21.63
C2A COA H . -0.88 -17.44 -20.18
N3A COA H . 0.19 -18.08 -19.42
C4A COA H . 1.28 -18.81 -20.08
C5A COA H . 1.40 -18.94 -21.51
C6A COA H . 0.35 -18.31 -22.29
N6A COA H . 0.38 -18.39 -23.73
N7A COA H . 2.53 -19.67 -21.85
C8A COA H . 3.11 -19.98 -20.62
N9A COA H . 2.37 -19.46 -19.52
C1B COA H . 2.62 -19.57 -18.13
C2B COA H . 3.06 -20.96 -17.60
O2B COA H . 2.06 -21.58 -16.84
C3B COA H . 4.36 -20.74 -16.84
O3B COA H . 4.20 -21.21 -15.50
P3B COA H . 4.50 -22.67 -15.13
O7A COA H . 3.69 -23.66 -15.87
O8A COA H . 5.94 -22.96 -15.38
O9A COA H . 4.24 -22.80 -13.68
C4B COA H . 4.68 -19.32 -16.90
O4B COA H . 3.67 -18.63 -17.66
C5B COA H . 6.14 -19.42 -17.46
O5B COA H . 6.55 -18.20 -18.10
P1A COA H . 7.71 -18.06 -19.23
O1A COA H . 9.00 -18.46 -18.73
O2A COA H . 7.41 -18.87 -20.46
O3A COA H . 7.65 -16.48 -19.54
P2A COA H . 8.49 -15.67 -20.61
O4A COA H . 9.37 -16.56 -21.36
O5A COA H . 7.61 -14.98 -21.52
O6A COA H . 9.28 -14.55 -20.13
CBP COA H . 9.90 -12.34 -19.39
CCP COA H . 9.58 -13.87 -18.95
CDP COA H . 11.39 -12.51 -18.93
CEP COA H . 9.17 -11.27 -18.50
CAP COA H . 9.76 -12.08 -21.06
OAP COA H . 8.31 -11.94 -21.17
C9P COA H . 10.45 -10.75 -21.49
O9P COA H . 11.67 -10.72 -21.44
N8P COA H . 9.68 -9.63 -21.89
C7P COA H . 10.15 -8.32 -22.31
C6P COA H . 10.88 -7.43 -21.20
C5P COA H . 10.23 -7.29 -19.84
O5P COA H . 8.99 -7.14 -19.75
N4P COA H . 11.11 -7.36 -18.69
C3P COA H . 10.78 -7.27 -17.26
C2P COA H . 10.66 -5.81 -16.68
S1P COA H . 12.05 -5.39 -15.54
#